data_6Y6T
#
_entry.id   6Y6T
#
_cell.length_a   250.830
_cell.length_b   250.830
_cell.length_c   77.897
_cell.angle_alpha   90.000
_cell.angle_beta   90.000
_cell.angle_gamma   120.000
#
_symmetry.space_group_name_H-M   'H 3 2'
#
loop_
_entity.id
_entity.type
_entity.pdbx_description
1 polymer Galactocerebrosidase
2 branched 2-acetamido-2-deoxy-beta-D-glucopyranose-(1-4)-2-acetamido-2-deoxy-beta-D-glucopyranose
3 non-polymer (1~{R},2~{S},3~{S},4~{R},5~{R})-4-(hydroxymethyl)-8-azabicyclo[3.2.1]octane-1,2,3-triol
4 non-polymer 2-acetamido-2-deoxy-beta-D-glucopyranose
5 non-polymer 'CALCIUM ION'
6 non-polymer 'NICKEL (II) ION'
7 water water
#
_entity_poly.entity_id   1
_entity_poly.type   'polypeptide(L)'
_entity_poly.pdbx_seq_one_letter_code
;HHHHHHIEGRGAYVLDDSDGLGREFDGIGAVSGGGATSRLLVNYPEPYRSEILDYLFKPNFGASLHILKVEIGGDGQTTD
GTEPSHMHYELDENYFRGYEWWLMKEAKKRNPDIILMGLPWSFPGWLGKGFSWPYVNLQLTAYYVVRWILGAKHYHDLDI
DYIGIWNERPFDANYIKELRKMLDYQGLQRVRIIASDNLWEPISSSLLLDQELWKVVDVIGAHYPGTYTVWNAKMSGKKL
WSSEDFSTINSNVGAGCWSRILNQNYINGNMTSTIAWNLVASYYEELPYGRSGLMTAQEPWSGHYVVASPIWVSAHTTQF
TQPGWYYLKTVGHLEKGGSYVALTDGLGNLTIIIETMSHQHSMCIRPYLPYYNVSHQLATFTLKGSLREIQELQVWYTKL
GTPQQRLHFKQLDTLWLLDGSGSFTLELEEDEIFTLTTLTTGRKGSYPPPPSSKPFPTNYKDDFNVEYPLFSEAPNFADQ
TGVFEYYMNNEDREHRFTLRQVLNQRPITWAADASSTISVIGDHHWTNMTVQCDVYIETPRSGGVFIAGRVNKGGILIRS
ATGVFFWIFANGSYRVTADLGGWITYASGHADVTAKRWYTLTLGIKGYFAFGMLNGTILWKNVRVKYPGHGWAAIGTHTF
EFAQFDNFRVEAAR
;
_entity_poly.pdbx_strand_id   A
#
loop_
_chem_comp.id
_chem_comp.type
_chem_comp.name
_chem_comp.formula
CA non-polymer 'CALCIUM ION' 'Ca 2'
NAG D-saccharide, beta linking 2-acetamido-2-deoxy-beta-D-glucopyranose 'C8 H15 N O6'
NI non-polymer 'NICKEL (II) ION' 'Ni 2'
ODW non-polymer (1~{R},2~{S},3~{S},4~{R},5~{R})-4-(hydroxymethyl)-8-azabicyclo[3.2.1]octane-1,2,3-triol 'C8 H15 N O4'
#
# COMPACT_ATOMS: atom_id res chain seq x y z
N GLY A 11 -27.56 -29.12 3.57
CA GLY A 11 -28.75 -29.31 4.39
C GLY A 11 -28.59 -28.71 5.77
N ALA A 12 -28.25 -29.56 6.76
CA ALA A 12 -27.89 -29.10 8.09
C ALA A 12 -26.36 -29.06 8.21
N TYR A 13 -25.85 -28.00 8.83
CA TYR A 13 -24.42 -27.78 9.06
C TYR A 13 -24.16 -27.74 10.56
N VAL A 14 -23.42 -28.71 11.09
CA VAL A 14 -23.15 -28.79 12.52
C VAL A 14 -21.96 -27.91 12.88
N LEU A 15 -22.13 -27.04 13.86
CA LEU A 15 -21.04 -26.24 14.42
C LEU A 15 -20.79 -26.74 15.84
N ASP A 16 -19.55 -27.13 16.14
CA ASP A 16 -19.29 -27.83 17.39
C ASP A 16 -17.79 -27.75 17.71
N ASP A 17 -17.47 -27.90 19.00
CA ASP A 17 -16.08 -27.88 19.47
C ASP A 17 -15.73 -29.05 20.38
N SER A 18 -16.63 -30.04 20.54
CA SER A 18 -16.38 -31.12 21.50
C SER A 18 -15.24 -32.03 21.09
N ASP A 19 -14.86 -32.05 19.81
CA ASP A 19 -13.69 -32.77 19.35
C ASP A 19 -12.47 -31.85 19.19
N GLY A 20 -12.52 -30.64 19.73
CA GLY A 20 -11.37 -29.75 19.68
C GLY A 20 -11.54 -28.68 18.61
N LEU A 21 -10.53 -27.82 18.54
CA LEU A 21 -10.60 -26.62 17.73
C LEU A 21 -9.72 -26.76 16.50
N GLY A 22 -9.99 -25.90 15.53
CA GLY A 22 -9.12 -25.73 14.37
C GLY A 22 -7.89 -24.92 14.73
N ARG A 23 -7.38 -24.18 13.75
CA ARG A 23 -6.19 -23.39 13.95
C ARG A 23 -6.52 -22.06 14.63
N GLU A 24 -5.52 -21.49 15.29
CA GLU A 24 -5.65 -20.16 15.87
C GLU A 24 -5.70 -19.10 14.77
N PHE A 25 -6.60 -18.14 14.94
CA PHE A 25 -6.81 -17.04 14.00
C PHE A 25 -5.85 -15.90 14.34
N ASP A 26 -5.17 -15.38 13.32
CA ASP A 26 -4.08 -14.44 13.51
C ASP A 26 -4.42 -13.00 13.12
N GLY A 27 -5.57 -12.78 12.49
CA GLY A 27 -6.01 -11.43 12.21
C GLY A 27 -6.09 -11.07 10.75
N ILE A 28 -6.87 -10.03 10.47
CA ILE A 28 -7.01 -9.45 9.15
C ILE A 28 -6.28 -8.12 9.15
N GLY A 29 -5.54 -7.86 8.08
CA GLY A 29 -4.83 -6.61 7.99
C GLY A 29 -4.72 -6.08 6.58
N ALA A 30 -3.91 -5.03 6.41
CA ALA A 30 -3.77 -4.39 5.11
C ALA A 30 -2.36 -3.82 5.01
N VAL A 31 -1.95 -3.47 3.80
CA VAL A 31 -0.60 -3.02 3.51
C VAL A 31 -0.63 -1.54 3.18
N SER A 32 0.22 -0.76 3.84
CA SER A 32 0.57 0.58 3.37
C SER A 32 1.96 0.51 2.77
N GLY A 33 2.08 0.67 1.47
CA GLY A 33 3.36 0.55 0.82
C GLY A 33 3.31 -0.39 -0.36
N GLY A 34 4.47 -0.55 -1.01
CA GLY A 34 4.55 -1.16 -2.33
C GLY A 34 3.53 -0.63 -3.32
N GLY A 35 3.55 0.67 -3.62
CA GLY A 35 4.54 1.61 -3.15
C GLY A 35 3.94 3.01 -3.20
N ALA A 36 4.07 3.76 -2.08
CA ALA A 36 3.49 5.10 -1.96
C ALA A 36 1.97 5.08 -2.09
N THR A 37 1.35 4.02 -1.56
CA THR A 37 -0.11 3.96 -1.61
C THR A 37 -0.76 4.91 -0.60
N SER A 38 -0.05 5.33 0.44
CA SER A 38 -0.59 6.28 1.41
C SER A 38 -0.11 7.71 1.14
N ARG A 39 0.48 7.96 -0.02
CA ARG A 39 1.16 9.23 -0.29
C ARG A 39 0.25 10.44 -0.10
N LEU A 40 -0.99 10.37 -0.54
CA LEU A 40 -1.89 11.51 -0.52
C LEU A 40 -2.72 11.61 0.75
N LEU A 41 -2.56 10.67 1.68
CA LEU A 41 -3.32 10.73 2.92
C LEU A 41 -2.80 11.80 3.85
N VAL A 42 -1.50 12.10 3.79
CA VAL A 42 -0.84 12.83 4.88
C VAL A 42 -1.27 14.29 4.92
N ASN A 43 -1.67 14.86 3.78
CA ASN A 43 -2.08 16.26 3.75
C ASN A 43 -3.59 16.42 3.67
N TYR A 44 -4.36 15.41 4.05
CA TYR A 44 -5.78 15.66 4.30
C TYR A 44 -5.92 16.66 5.44
N PRO A 45 -6.80 17.64 5.34
CA PRO A 45 -7.07 18.52 6.47
C PRO A 45 -7.79 17.74 7.57
N GLU A 46 -7.79 18.33 8.78
CA GLU A 46 -8.69 17.80 9.79
C GLU A 46 -10.10 18.33 9.59
N PRO A 47 -11.13 17.59 10.03
CA PRO A 47 -11.09 16.31 10.74
C PRO A 47 -10.99 15.09 9.81
N TYR A 48 -11.09 15.32 8.50
CA TYR A 48 -11.21 14.21 7.55
C TYR A 48 -10.05 13.22 7.68
N ARG A 49 -8.82 13.70 7.88
CA ARG A 49 -7.71 12.76 7.99
C ARG A 49 -7.92 11.83 9.17
N SER A 50 -8.30 12.40 10.32
CA SER A 50 -8.57 11.60 11.50
C SER A 50 -9.74 10.63 11.26
N GLU A 51 -10.76 11.08 10.54
CA GLU A 51 -11.93 10.25 10.25
C GLU A 51 -11.55 9.06 9.38
N ILE A 52 -10.78 9.30 8.32
CA ILE A 52 -10.24 8.21 7.50
C ILE A 52 -9.56 7.19 8.39
N LEU A 53 -8.65 7.66 9.25
CA LEU A 53 -7.91 6.73 10.10
C LEU A 53 -8.83 5.99 11.04
N ASP A 54 -9.91 6.63 11.51
CA ASP A 54 -10.87 5.94 12.37
C ASP A 54 -11.55 4.82 11.60
N TYR A 55 -11.97 5.11 10.36
CA TYR A 55 -12.59 4.10 9.52
C TYR A 55 -11.67 2.90 9.28
N LEU A 56 -10.36 3.08 9.43
CA LEU A 56 -9.42 2.00 9.17
C LEU A 56 -9.06 1.21 10.42
N PHE A 57 -8.92 1.91 11.55
CA PHE A 57 -8.22 1.37 12.72
C PHE A 57 -9.00 1.47 14.03
N LYS A 58 -9.95 2.39 14.14
CA LYS A 58 -10.72 2.50 15.37
C LYS A 58 -11.48 1.20 15.62
N PRO A 59 -11.33 0.60 16.79
CA PRO A 59 -12.09 -0.61 17.09
C PRO A 59 -13.58 -0.35 17.12
N ASN A 60 -14.34 -1.36 16.67
CA ASN A 60 -15.81 -1.32 16.74
C ASN A 60 -16.37 -0.09 16.02
N PHE A 61 -15.86 0.14 14.80
CA PHE A 61 -16.20 1.33 14.05
C PHE A 61 -16.26 1.05 12.55
N GLY A 62 -15.10 0.83 11.93
CA GLY A 62 -15.02 0.56 10.50
C GLY A 62 -14.33 -0.75 10.19
N ALA A 63 -13.29 -0.73 9.36
CA ALA A 63 -12.56 -1.96 9.07
C ALA A 63 -11.88 -2.55 10.30
N SER A 64 -11.65 -1.73 11.34
CA SER A 64 -11.20 -2.20 12.66
C SER A 64 -10.03 -3.18 12.55
N LEU A 65 -9.05 -2.84 11.73
CA LEU A 65 -8.02 -3.82 11.31
C LEU A 65 -7.14 -4.30 12.47
N HIS A 66 -6.75 -5.57 12.39
CA HIS A 66 -5.96 -6.23 13.41
C HIS A 66 -4.46 -6.11 13.18
N ILE A 67 -4.07 -5.90 11.93
CA ILE A 67 -2.69 -5.99 11.45
C ILE A 67 -2.47 -4.82 10.51
N LEU A 68 -1.37 -4.08 10.71
CA LEU A 68 -0.91 -3.09 9.74
C LEU A 68 0.47 -3.50 9.29
N LYS A 69 0.63 -3.73 8.00
CA LYS A 69 1.93 -4.03 7.40
C LYS A 69 2.38 -2.84 6.57
N VAL A 70 3.63 -2.42 6.75
CA VAL A 70 4.14 -1.26 6.01
C VAL A 70 5.41 -1.64 5.25
N GLU A 71 5.61 -0.97 4.11
CA GLU A 71 6.87 -1.05 3.38
C GLU A 71 7.98 -0.41 4.21
N ILE A 72 9.15 -1.05 4.20
CA ILE A 72 10.37 -0.44 4.70
C ILE A 72 11.06 0.23 3.51
N GLY A 73 10.86 1.53 3.36
CA GLY A 73 11.26 2.19 2.13
C GLY A 73 12.74 1.98 1.82
N GLY A 74 13.04 1.80 0.54
CA GLY A 74 14.39 1.62 0.11
C GLY A 74 14.79 2.56 -1.02
N ASP A 75 14.01 3.63 -1.22
CA ASP A 75 14.29 4.68 -2.21
C ASP A 75 14.02 4.24 -3.66
N GLY A 76 13.67 2.96 -3.91
CA GLY A 76 13.28 2.56 -5.25
C GLY A 76 11.77 2.66 -5.52
N GLN A 77 11.40 2.73 -6.80
CA GLN A 77 10.00 2.59 -7.22
C GLN A 77 9.44 1.23 -6.79
N THR A 78 8.25 1.23 -6.17
CA THR A 78 7.71 -0.03 -5.66
C THR A 78 6.22 -0.24 -5.91
N THR A 79 5.58 0.57 -6.78
CA THR A 79 4.43 0.26 -7.62
C THR A 79 3.71 1.54 -8.02
N ASP A 80 3.53 2.46 -7.07
CA ASP A 80 2.88 3.74 -7.32
C ASP A 80 3.76 4.92 -6.94
N GLY A 81 5.05 4.68 -6.79
CA GLY A 81 5.98 5.69 -6.34
C GLY A 81 7.13 5.04 -5.60
N THR A 82 8.03 5.89 -5.11
CA THR A 82 9.13 5.50 -4.23
C THR A 82 8.78 5.83 -2.79
N GLU A 83 9.45 5.15 -1.86
CA GLU A 83 9.32 5.53 -0.47
C GLU A 83 10.71 5.71 0.13
N PRO A 84 10.91 6.74 0.95
CA PRO A 84 12.27 7.08 1.37
C PRO A 84 12.83 6.13 2.40
N SER A 85 14.11 5.83 2.27
CA SER A 85 14.76 4.93 3.21
C SER A 85 15.21 5.68 4.48
N HIS A 86 15.46 4.92 5.54
CA HIS A 86 16.09 5.53 6.71
C HIS A 86 17.60 5.68 6.57
N MET A 87 18.21 5.06 5.54
CA MET A 87 19.65 5.20 5.27
C MET A 87 19.87 5.42 3.76
N HIS A 88 19.78 6.70 3.32
CA HIS A 88 19.97 7.01 1.90
C HIS A 88 21.38 6.66 1.46
N TYR A 89 22.34 6.88 2.36
CA TYR A 89 23.76 6.73 2.10
C TYR A 89 24.34 5.89 3.22
N GLU A 90 25.52 5.35 2.98
CA GLU A 90 26.32 4.82 4.08
C GLU A 90 26.53 5.92 5.12
N LEU A 91 26.36 5.57 6.40
CA LEU A 91 26.51 6.43 7.58
C LEU A 91 25.30 7.33 7.79
N ASP A 92 24.32 7.35 6.88
CA ASP A 92 23.13 8.15 7.08
C ASP A 92 22.09 7.38 7.90
N GLU A 93 21.55 8.01 8.93
CA GLU A 93 20.46 7.41 9.70
C GLU A 93 19.44 8.50 10.01
N ASN A 94 18.21 8.29 9.55
CA ASN A 94 17.13 9.24 9.82
C ASN A 94 15.83 8.46 9.91
N TYR A 95 15.13 8.57 11.05
CA TYR A 95 13.94 7.77 11.31
C TYR A 95 12.66 8.62 11.27
N PHE A 96 12.68 9.69 10.47
CA PHE A 96 11.57 10.62 10.36
C PHE A 96 11.17 10.89 8.91
N ARG A 97 11.67 10.12 7.94
CA ARG A 97 11.28 10.34 6.55
C ARG A 97 9.99 9.59 6.25
N GLY A 98 9.27 10.09 5.24
CA GLY A 98 8.10 9.40 4.76
C GLY A 98 6.94 9.47 5.75
N TYR A 99 6.03 8.52 5.61
CA TYR A 99 4.78 8.58 6.34
C TYR A 99 4.37 7.28 7.01
N GLU A 100 5.21 6.22 6.96
CA GLU A 100 4.85 4.97 7.61
C GLU A 100 5.04 5.03 9.11
N TRP A 101 6.05 5.79 9.59
CA TRP A 101 6.13 6.06 11.02
C TRP A 101 4.84 6.69 11.51
N TRP A 102 4.43 7.78 10.86
CA TRP A 102 3.22 8.50 11.23
C TRP A 102 2.00 7.57 11.22
N LEU A 103 1.87 6.78 10.15
CA LEU A 103 0.72 5.89 10.01
C LEU A 103 0.70 4.83 11.12
N MET A 104 1.85 4.25 11.42
CA MET A 104 1.89 3.24 12.47
C MET A 104 1.49 3.82 13.82
N LYS A 105 1.95 5.05 14.11
CA LYS A 105 1.56 5.65 15.39
C LYS A 105 0.07 5.97 15.42
N GLU A 106 -0.49 6.46 14.31
CA GLU A 106 -1.92 6.76 14.28
C GLU A 106 -2.73 5.49 14.49
N ALA A 107 -2.29 4.38 13.88
CA ALA A 107 -2.94 3.09 14.07
C ALA A 107 -2.84 2.65 15.53
N LYS A 108 -1.65 2.75 16.13
CA LYS A 108 -1.49 2.37 17.55
C LYS A 108 -2.34 3.25 18.46
N LYS A 109 -2.47 4.53 18.15
CA LYS A 109 -3.32 5.40 18.96
C LYS A 109 -4.74 4.86 18.99
N ARG A 110 -5.23 4.39 17.86
CA ARG A 110 -6.60 3.91 17.79
C ARG A 110 -6.70 2.51 18.36
N ASN A 111 -5.70 1.66 18.09
CA ASN A 111 -5.72 0.27 18.55
C ASN A 111 -4.37 -0.11 19.16
N PRO A 112 -4.24 0.01 20.50
CA PRO A 112 -2.96 -0.33 21.13
C PRO A 112 -2.50 -1.75 20.85
N ASP A 113 -3.43 -2.65 20.53
CA ASP A 113 -3.11 -4.05 20.23
C ASP A 113 -2.94 -4.32 18.74
N ILE A 114 -2.86 -3.29 17.89
CA ILE A 114 -2.65 -3.58 16.48
C ILE A 114 -1.30 -4.27 16.32
N ILE A 115 -1.21 -5.16 15.33
CA ILE A 115 0.01 -5.93 15.05
C ILE A 115 0.74 -5.24 13.91
N LEU A 116 2.06 -5.05 14.07
CA LEU A 116 2.87 -4.29 13.14
C LEU A 116 3.83 -5.19 12.39
N MET A 117 3.88 -5.01 11.07
CA MET A 117 4.78 -5.75 10.21
C MET A 117 5.54 -4.79 9.30
N GLY A 118 6.80 -5.12 9.03
CA GLY A 118 7.58 -4.40 8.06
C GLY A 118 8.20 -5.33 7.04
N LEU A 119 8.32 -4.84 5.82
CA LEU A 119 8.84 -5.65 4.73
C LEU A 119 9.50 -4.77 3.68
N PRO A 120 10.74 -5.05 3.29
CA PRO A 120 11.39 -4.31 2.20
C PRO A 120 10.93 -4.75 0.83
N TRP A 121 10.76 -3.76 -0.06
CA TRP A 121 10.61 -3.96 -1.50
C TRP A 121 11.90 -3.64 -2.26
N SER A 122 12.49 -2.47 -2.03
CA SER A 122 13.76 -2.08 -2.61
C SER A 122 14.76 -1.81 -1.47
N PHE A 123 16.00 -1.52 -1.85
CA PHE A 123 17.08 -1.23 -0.91
C PHE A 123 17.90 -0.09 -1.50
N PRO A 124 18.43 0.80 -0.66
CA PRO A 124 19.41 1.80 -1.16
C PRO A 124 20.57 1.11 -1.87
N GLY A 125 21.04 1.74 -2.95
CA GLY A 125 22.07 1.11 -3.78
C GLY A 125 23.36 0.81 -3.04
N TRP A 126 23.72 1.65 -2.04
CA TRP A 126 25.01 1.43 -1.38
C TRP A 126 25.05 0.09 -0.63
N LEU A 127 23.90 -0.51 -0.27
CA LEU A 127 23.90 -1.84 0.34
C LEU A 127 24.47 -2.92 -0.58
N GLY A 128 24.38 -2.73 -1.89
CA GLY A 128 24.87 -3.74 -2.80
C GLY A 128 26.34 -3.69 -3.15
N LYS A 129 27.06 -2.66 -2.70
CA LYS A 129 28.53 -2.58 -2.87
C LYS A 129 28.94 -2.74 -4.34
N GLY A 130 28.20 -2.09 -5.24
CA GLY A 130 28.49 -2.20 -6.64
C GLY A 130 27.63 -3.19 -7.41
N PHE A 131 26.65 -3.82 -6.77
CA PHE A 131 25.76 -4.76 -7.42
C PHE A 131 24.34 -4.48 -6.98
N SER A 132 23.39 -4.68 -7.90
CA SER A 132 21.98 -4.51 -7.58
C SER A 132 21.45 -5.79 -6.91
N TRP A 133 22.04 -6.12 -5.75
CA TRP A 133 21.74 -7.37 -5.08
C TRP A 133 21.93 -7.26 -3.59
N PRO A 134 20.88 -7.53 -2.80
CA PRO A 134 20.94 -7.30 -1.35
C PRO A 134 21.60 -8.42 -0.57
N TYR A 135 22.03 -9.50 -1.21
CA TYR A 135 22.65 -10.61 -0.49
C TYR A 135 24.15 -10.66 -0.69
N VAL A 136 24.76 -9.58 -1.18
CA VAL A 136 26.22 -9.52 -1.32
C VAL A 136 26.87 -9.55 0.06
N ASN A 137 26.37 -8.74 0.98
CA ASN A 137 26.88 -8.67 2.34
C ASN A 137 25.70 -8.91 3.27
N LEU A 138 25.59 -10.15 3.77
CA LEU A 138 24.39 -10.52 4.50
C LEU A 138 24.29 -9.74 5.80
N GLN A 139 25.41 -9.59 6.50
CA GLN A 139 25.39 -8.84 7.74
C GLN A 139 24.96 -7.38 7.49
N LEU A 140 25.43 -6.79 6.38
CA LEU A 140 25.12 -5.38 6.11
C LEU A 140 23.62 -5.19 5.89
N THR A 141 23.01 -6.03 5.05
CA THR A 141 21.57 -5.93 4.80
C THR A 141 20.78 -6.20 6.08
N ALA A 142 21.18 -7.21 6.85
CA ALA A 142 20.51 -7.46 8.12
C ALA A 142 20.65 -6.26 9.06
N TYR A 143 21.85 -5.69 9.11
CA TYR A 143 22.08 -4.51 9.94
C TYR A 143 21.14 -3.38 9.56
N TYR A 144 21.04 -3.10 8.25
CA TYR A 144 20.11 -2.09 7.76
C TYR A 144 18.68 -2.37 8.21
N VAL A 145 18.21 -3.61 8.01
CA VAL A 145 16.83 -3.92 8.38
C VAL A 145 16.64 -3.82 9.89
N VAL A 146 17.58 -4.36 10.66
CA VAL A 146 17.41 -4.32 12.11
C VAL A 146 17.46 -2.89 12.63
N ARG A 147 18.27 -2.00 12.01
CA ARG A 147 18.25 -0.62 12.48
C ARG A 147 16.88 0.01 12.28
N TRP A 148 16.15 -0.40 11.23
CA TRP A 148 14.79 0.13 11.06
C TRP A 148 13.92 -0.29 12.25
N ILE A 149 14.09 -1.52 12.72
CA ILE A 149 13.25 -2.00 13.82
C ILE A 149 13.64 -1.28 15.11
N LEU A 150 14.94 -1.12 15.34
CA LEU A 150 15.39 -0.39 16.52
C LEU A 150 14.91 1.05 16.49
N GLY A 151 15.02 1.71 15.34
CA GLY A 151 14.55 3.08 15.22
C GLY A 151 13.06 3.21 15.49
N ALA A 152 12.27 2.25 14.96
CA ALA A 152 10.84 2.20 15.26
C ALA A 152 10.59 2.26 16.76
N LYS A 153 11.39 1.53 17.56
CA LYS A 153 11.20 1.53 19.01
C LYS A 153 11.77 2.78 19.67
N HIS A 154 13.02 3.15 19.32
CA HIS A 154 13.71 4.24 19.99
C HIS A 154 13.03 5.58 19.75
N TYR A 155 12.54 5.83 18.53
CA TYR A 155 12.06 7.15 18.18
C TYR A 155 10.54 7.28 18.17
N HIS A 156 9.78 6.21 17.96
CA HIS A 156 8.33 6.28 17.85
C HIS A 156 7.63 5.37 18.84
N ASP A 157 8.38 4.63 19.65
CA ASP A 157 7.82 3.72 20.64
C ASP A 157 7.02 2.59 19.97
N LEU A 158 7.41 2.20 18.77
CA LEU A 158 6.74 1.16 18.00
C LEU A 158 7.45 -0.17 18.15
N ASP A 159 6.70 -1.20 18.54
CA ASP A 159 7.17 -2.58 18.57
C ASP A 159 6.81 -3.22 17.24
N ILE A 160 7.82 -3.55 16.43
CA ILE A 160 7.54 -4.27 15.19
C ILE A 160 7.40 -5.75 15.51
N ASP A 161 6.25 -6.34 15.17
CA ASP A 161 5.97 -7.74 15.50
C ASP A 161 6.53 -8.71 14.45
N TYR A 162 6.49 -8.36 13.16
CA TYR A 162 6.97 -9.25 12.14
C TYR A 162 7.86 -8.52 11.16
N ILE A 163 8.94 -9.19 10.75
CA ILE A 163 9.84 -8.70 9.74
C ILE A 163 9.90 -9.74 8.62
N GLY A 164 9.71 -9.29 7.38
CA GLY A 164 9.85 -10.14 6.23
C GLY A 164 11.23 -10.07 5.61
N ILE A 165 11.34 -10.64 4.40
CA ILE A 165 12.63 -10.85 3.73
C ILE A 165 12.77 -9.85 2.57
N TRP A 166 12.20 -10.18 1.40
CA TRP A 166 12.30 -9.33 0.22
C TRP A 166 11.06 -9.56 -0.64
N ASN A 167 10.21 -8.55 -0.72
CA ASN A 167 8.88 -8.71 -1.27
C ASN A 167 8.89 -9.30 -2.68
N GLU A 168 8.28 -10.49 -2.83
CA GLU A 168 8.10 -11.14 -4.13
C GLU A 168 9.41 -11.30 -4.89
N ARG A 169 10.50 -11.47 -4.16
CA ARG A 169 11.84 -11.62 -4.70
C ARG A 169 12.52 -12.79 -3.99
N PRO A 170 13.62 -13.30 -4.54
CA PRO A 170 14.24 -14.50 -3.94
C PRO A 170 14.61 -14.27 -2.49
N PHE A 171 14.48 -15.32 -1.68
CA PHE A 171 15.10 -15.27 -0.37
C PHE A 171 16.47 -15.95 -0.43
N ASP A 172 17.26 -15.71 0.62
CA ASP A 172 18.53 -16.38 0.82
C ASP A 172 18.49 -16.98 2.22
N ALA A 173 18.63 -18.30 2.31
CA ALA A 173 18.47 -18.97 3.60
C ALA A 173 19.49 -18.47 4.62
N ASN A 174 20.73 -18.22 4.19
CA ASN A 174 21.73 -17.65 5.10
C ASN A 174 21.35 -16.25 5.53
N TYR A 175 20.74 -15.45 4.64
CA TYR A 175 20.26 -14.13 5.06
C TYR A 175 19.25 -14.26 6.19
N ILE A 176 18.26 -15.15 6.03
CA ILE A 176 17.22 -15.30 7.05
C ILE A 176 17.85 -15.67 8.39
N LYS A 177 18.87 -16.54 8.36
CA LYS A 177 19.51 -16.97 9.60
C LYS A 177 20.31 -15.82 10.21
N GLU A 178 21.08 -15.09 9.39
CA GLU A 178 21.79 -13.91 9.87
C GLU A 178 20.83 -12.88 10.43
N LEU A 179 19.68 -12.68 9.76
CA LEU A 179 18.66 -11.76 10.27
C LEU A 179 18.20 -12.18 11.66
N ARG A 180 17.94 -13.49 11.88
CA ARG A 180 17.59 -13.97 13.22
C ARG A 180 18.73 -13.72 14.22
N LYS A 181 19.96 -14.04 13.82
CA LYS A 181 21.11 -13.84 14.71
C LYS A 181 21.26 -12.37 15.09
N MET A 182 21.12 -11.46 14.11
CA MET A 182 21.26 -10.04 14.34
C MET A 182 20.15 -9.50 15.25
N LEU A 183 18.90 -9.89 15.01
CA LEU A 183 17.79 -9.48 15.88
C LEU A 183 18.06 -9.89 17.32
N ASP A 184 18.45 -11.16 17.52
CA ASP A 184 18.75 -11.63 18.87
C ASP A 184 19.90 -10.84 19.48
N TYR A 185 20.94 -10.57 18.67
CA TYR A 185 22.07 -9.80 19.17
C TYR A 185 21.64 -8.41 19.64
N GLN A 186 20.58 -7.85 19.05
CA GLN A 186 20.09 -6.55 19.44
C GLN A 186 18.93 -6.61 20.44
N GLY A 187 18.73 -7.75 21.11
CA GLY A 187 17.65 -7.84 22.08
C GLY A 187 16.25 -7.89 21.49
N LEU A 188 16.10 -8.32 20.25
CA LEU A 188 14.82 -8.36 19.55
C LEU A 188 14.35 -9.79 19.35
N GLN A 189 14.52 -10.63 20.38
CA GLN A 189 14.03 -12.00 20.28
C GLN A 189 12.55 -12.04 20.00
N ARG A 190 11.80 -11.06 20.51
CA ARG A 190 10.35 -11.06 20.34
C ARG A 190 9.92 -10.78 18.90
N VAL A 191 10.80 -10.23 18.06
CA VAL A 191 10.41 -10.02 16.67
C VAL A 191 10.39 -11.36 15.94
N ARG A 192 9.30 -11.63 15.21
CA ARG A 192 9.15 -12.86 14.45
C ARG A 192 9.43 -12.65 12.97
N ILE A 193 9.84 -13.73 12.31
CA ILE A 193 10.20 -13.68 10.90
C ILE A 193 9.12 -14.38 10.07
N ILE A 194 8.67 -13.70 9.01
CA ILE A 194 7.74 -14.26 8.04
C ILE A 194 8.48 -14.37 6.71
N ALA A 195 8.27 -15.46 5.98
CA ALA A 195 8.98 -15.71 4.75
C ALA A 195 8.07 -16.49 3.80
N SER A 196 8.23 -16.26 2.50
CA SER A 196 9.22 -15.35 1.96
C SER A 196 8.51 -14.25 1.16
N ASP A 197 7.22 -14.09 1.45
CA ASP A 197 6.38 -13.08 0.81
C ASP A 197 6.41 -13.20 -0.70
N ASN A 198 6.31 -14.45 -1.17
CA ASN A 198 6.30 -14.74 -2.59
C ASN A 198 5.36 -15.93 -2.83
N LEU A 199 5.85 -17.02 -3.40
CA LEU A 199 5.02 -18.20 -3.61
C LEU A 199 5.22 -19.17 -2.46
N TRP A 200 4.38 -20.22 -2.43
CA TRP A 200 4.57 -21.26 -1.42
C TRP A 200 5.94 -21.91 -1.53
N GLU A 201 6.50 -21.98 -2.74
CA GLU A 201 7.83 -22.52 -2.93
C GLU A 201 8.78 -21.46 -3.47
N PRO A 202 10.10 -21.57 -3.19
CA PRO A 202 10.73 -22.70 -2.49
C PRO A 202 10.74 -22.65 -0.96
N ILE A 203 10.08 -21.68 -0.31
CA ILE A 203 10.24 -21.55 1.15
C ILE A 203 9.72 -22.79 1.86
N SER A 204 8.56 -23.31 1.44
CA SER A 204 7.92 -24.40 2.17
C SER A 204 8.79 -25.66 2.21
N SER A 205 9.27 -26.12 1.05
CA SER A 205 10.14 -27.29 1.06
C SER A 205 11.49 -27.00 1.75
N SER A 206 12.02 -25.78 1.63
CA SER A 206 13.25 -25.43 2.33
C SER A 206 13.14 -25.69 3.83
N LEU A 207 11.97 -25.39 4.42
CA LEU A 207 11.76 -25.60 5.86
C LEU A 207 11.76 -27.08 6.25
N LEU A 208 11.30 -27.98 5.38
CA LEU A 208 11.29 -29.40 5.71
C LEU A 208 12.68 -30.01 5.61
N LEU A 209 13.53 -29.43 4.78
CA LEU A 209 14.85 -29.96 4.50
C LEU A 209 15.91 -29.36 5.41
N ASP A 210 15.65 -28.21 6.04
CA ASP A 210 16.63 -27.47 6.81
C ASP A 210 16.02 -27.19 8.19
N GLN A 211 16.36 -28.04 9.17
CA GLN A 211 15.90 -27.82 10.52
C GLN A 211 16.30 -26.44 11.06
N GLU A 212 17.49 -25.95 10.70
CA GLU A 212 17.90 -24.65 11.21
C GLU A 212 17.07 -23.54 10.60
N LEU A 213 16.76 -23.64 9.30
CA LEU A 213 15.83 -22.69 8.70
C LEU A 213 14.46 -22.77 9.36
N TRP A 214 13.99 -23.99 9.59
CA TRP A 214 12.69 -24.20 10.23
C TRP A 214 12.64 -23.53 11.60
N LYS A 215 13.71 -23.63 12.38
CA LYS A 215 13.70 -23.02 13.71
C LYS A 215 13.51 -21.50 13.65
N VAL A 216 14.00 -20.83 12.60
CA VAL A 216 14.04 -19.37 12.62
C VAL A 216 12.91 -18.71 11.82
N VAL A 217 12.13 -19.47 11.07
CA VAL A 217 11.00 -18.91 10.32
C VAL A 217 9.72 -19.21 11.11
N ASP A 218 8.97 -18.16 11.44
CA ASP A 218 7.78 -18.31 12.27
C ASP A 218 6.49 -18.45 11.46
N VAL A 219 6.41 -17.81 10.30
CA VAL A 219 5.17 -17.75 9.52
C VAL A 219 5.55 -17.89 8.05
N ILE A 220 4.85 -18.76 7.33
CA ILE A 220 4.99 -18.80 5.87
C ILE A 220 3.98 -17.82 5.28
N GLY A 221 4.49 -16.78 4.65
CA GLY A 221 3.60 -15.80 4.08
C GLY A 221 3.63 -15.88 2.58
N ALA A 222 2.49 -16.19 1.96
CA ALA A 222 2.41 -16.33 0.51
C ALA A 222 1.49 -15.26 -0.05
N HIS A 223 1.71 -14.91 -1.32
CA HIS A 223 1.00 -13.83 -2.00
C HIS A 223 0.05 -14.39 -3.04
N TYR A 224 -1.18 -13.89 -3.03
CA TYR A 224 -2.21 -14.24 -4.00
C TYR A 224 -2.32 -15.75 -4.20
N PRO A 225 -2.53 -16.50 -3.12
CA PRO A 225 -2.57 -17.96 -3.21
C PRO A 225 -3.84 -18.49 -3.83
N GLY A 226 -4.79 -17.63 -4.20
CA GLY A 226 -6.07 -18.11 -4.70
C GLY A 226 -6.76 -19.09 -3.76
N THR A 227 -6.68 -18.83 -2.45
CA THR A 227 -7.30 -19.57 -1.35
C THR A 227 -6.66 -20.92 -1.07
N TYR A 228 -5.70 -21.37 -1.88
CA TYR A 228 -5.08 -22.67 -1.66
C TYR A 228 -3.66 -22.53 -1.14
N THR A 229 -3.23 -23.56 -0.39
CA THR A 229 -1.83 -23.74 -0.06
C THR A 229 -1.30 -25.01 -0.74
N VAL A 230 -0.18 -25.56 -0.26
CA VAL A 230 0.43 -26.76 -0.83
C VAL A 230 0.83 -27.67 0.33
N TRP A 231 1.04 -28.96 -0.01
CA TRP A 231 1.26 -29.98 1.02
C TRP A 231 2.47 -29.66 1.88
N ASN A 232 3.59 -29.28 1.26
CA ASN A 232 4.79 -28.96 2.05
C ASN A 232 4.50 -27.91 3.12
N ALA A 233 3.65 -26.93 2.81
CA ALA A 233 3.38 -25.90 3.81
C ALA A 233 2.54 -26.45 4.97
N LYS A 234 1.54 -27.31 4.66
CA LYS A 234 0.79 -27.97 5.73
C LYS A 234 1.70 -28.82 6.61
N MET A 235 2.62 -29.56 6.00
CA MET A 235 3.49 -30.45 6.77
C MET A 235 4.39 -29.70 7.73
N SER A 236 4.73 -28.45 7.39
CA SER A 236 5.73 -27.69 8.15
C SER A 236 5.28 -27.41 9.58
N GLY A 237 3.98 -27.43 9.84
CA GLY A 237 3.44 -27.02 11.12
C GLY A 237 3.41 -25.53 11.36
N LYS A 238 3.97 -24.73 10.46
CA LYS A 238 4.01 -23.27 10.63
C LYS A 238 2.65 -22.64 10.36
N LYS A 239 2.43 -21.48 10.98
CA LYS A 239 1.32 -20.64 10.61
C LYS A 239 1.45 -20.24 9.14
N LEU A 240 0.34 -20.33 8.41
CA LEU A 240 0.30 -19.99 6.99
C LEU A 240 -0.61 -18.77 6.84
N TRP A 241 -0.12 -17.77 6.12
CA TRP A 241 -0.83 -16.51 5.93
C TRP A 241 -0.85 -16.17 4.45
N SER A 242 -1.98 -15.65 4.00
CA SER A 242 -1.99 -14.86 2.77
C SER A 242 -1.42 -13.49 3.16
N SER A 243 -0.09 -13.37 3.09
CA SER A 243 0.52 -12.11 3.52
C SER A 243 0.36 -10.98 2.50
N GLU A 244 -0.23 -11.23 1.33
CA GLU A 244 -0.69 -10.15 0.45
C GLU A 244 -1.76 -10.69 -0.48
N ASP A 245 -2.92 -10.06 -0.48
CA ASP A 245 -4.04 -10.48 -1.32
C ASP A 245 -4.77 -9.22 -1.76
N PHE A 246 -5.93 -9.41 -2.38
CA PHE A 246 -6.86 -8.35 -2.77
C PHE A 246 -6.40 -7.66 -4.05
N SER A 247 -5.87 -6.44 -3.93
CA SER A 247 -5.33 -5.70 -5.07
C SER A 247 -6.36 -5.55 -6.18
N THR A 248 -7.62 -5.42 -5.80
CA THR A 248 -8.70 -5.30 -6.78
C THR A 248 -9.47 -4.00 -6.53
N ILE A 249 -10.01 -3.43 -7.61
CA ILE A 249 -10.66 -2.13 -7.48
C ILE A 249 -11.76 -2.22 -6.44
N ASN A 250 -11.88 -1.19 -5.59
CA ASN A 250 -12.74 -1.35 -4.42
C ASN A 250 -14.21 -1.01 -4.71
N SER A 251 -14.68 -1.31 -5.92
CA SER A 251 -16.10 -1.33 -6.22
C SER A 251 -16.72 -2.55 -5.54
N ASN A 252 -18.00 -2.79 -5.79
CA ASN A 252 -18.65 -3.95 -5.21
C ASN A 252 -17.96 -5.26 -5.61
N VAL A 253 -17.31 -5.29 -6.79
CA VAL A 253 -16.62 -6.52 -7.18
C VAL A 253 -15.45 -6.81 -6.24
N GLY A 254 -14.67 -5.78 -5.91
CA GLY A 254 -13.56 -5.97 -5.01
C GLY A 254 -14.01 -6.32 -3.61
N ALA A 255 -15.15 -5.76 -3.18
CA ALA A 255 -15.70 -6.15 -1.90
C ALA A 255 -16.10 -7.62 -1.91
N GLY A 256 -16.67 -8.08 -3.03
CA GLY A 256 -17.01 -9.49 -3.16
C GLY A 256 -15.78 -10.39 -3.15
N CYS A 257 -14.71 -9.95 -3.81
CA CYS A 257 -13.45 -10.69 -3.78
C CYS A 257 -12.91 -10.78 -2.35
N TRP A 258 -12.88 -9.64 -1.65
CA TRP A 258 -12.43 -9.60 -0.27
C TRP A 258 -13.29 -10.52 0.60
N SER A 259 -14.60 -10.42 0.45
CA SER A 259 -15.52 -11.27 1.22
C SER A 259 -15.24 -12.75 1.02
N ARG A 260 -15.07 -13.18 -0.23
CA ARG A 260 -14.92 -14.61 -0.50
C ARG A 260 -13.60 -15.14 0.07
N ILE A 261 -12.49 -14.46 -0.20
CA ILE A 261 -11.18 -14.97 0.20
C ILE A 261 -10.95 -14.84 1.69
N LEU A 262 -11.62 -13.90 2.37
CA LEU A 262 -11.47 -13.85 3.82
C LEU A 262 -11.89 -15.17 4.46
N ASN A 263 -13.07 -15.68 4.07
CA ASN A 263 -13.51 -17.01 4.55
C ASN A 263 -12.66 -18.12 3.95
N GLN A 264 -12.53 -18.14 2.63
CA GLN A 264 -12.04 -19.36 1.98
C GLN A 264 -10.51 -19.49 1.99
N ASN A 265 -9.76 -18.43 2.31
CA ASN A 265 -8.33 -18.60 2.54
C ASN A 265 -8.08 -19.55 3.70
N TYR A 266 -8.93 -19.51 4.73
CA TYR A 266 -8.80 -20.49 5.80
C TYR A 266 -9.40 -21.83 5.39
N ILE A 267 -10.61 -21.82 4.83
CA ILE A 267 -11.30 -23.07 4.58
C ILE A 267 -10.52 -23.91 3.58
N ASN A 268 -10.10 -23.31 2.47
CA ASN A 268 -9.42 -24.06 1.42
C ASN A 268 -7.93 -24.19 1.63
N GLY A 269 -7.27 -23.22 2.29
CA GLY A 269 -5.82 -23.25 2.34
C GLY A 269 -5.18 -23.15 3.72
N ASN A 270 -5.99 -23.29 4.78
CA ASN A 270 -5.51 -23.26 6.16
C ASN A 270 -4.84 -21.94 6.51
N MET A 271 -5.09 -20.88 5.76
CA MET A 271 -4.45 -19.60 6.06
C MET A 271 -5.22 -18.89 7.16
N THR A 272 -4.52 -18.55 8.23
CA THR A 272 -5.12 -17.94 9.40
C THR A 272 -4.93 -16.42 9.44
N SER A 273 -4.38 -15.85 8.38
CA SER A 273 -4.40 -14.40 8.21
C SER A 273 -4.45 -14.08 6.73
N THR A 274 -5.20 -13.03 6.41
CA THR A 274 -5.17 -12.45 5.08
C THR A 274 -4.91 -10.96 5.22
N ILE A 275 -4.01 -10.43 4.40
CA ILE A 275 -3.60 -9.02 4.44
C ILE A 275 -3.79 -8.41 3.06
N ALA A 276 -4.64 -7.40 2.97
CA ALA A 276 -4.97 -6.80 1.69
C ALA A 276 -3.93 -5.76 1.27
N TRP A 277 -3.48 -5.86 0.02
CA TRP A 277 -2.89 -4.71 -0.67
C TRP A 277 -3.99 -4.00 -1.44
N ASN A 278 -4.23 -2.71 -1.15
CA ASN A 278 -3.52 -1.92 -0.12
C ASN A 278 -4.52 -1.39 0.92
N LEU A 279 -3.98 -0.69 1.94
CA LEU A 279 -4.80 -0.20 3.05
C LEU A 279 -5.85 0.81 2.59
N VAL A 280 -5.39 1.85 1.88
CA VAL A 280 -6.25 2.96 1.46
C VAL A 280 -5.68 3.49 0.16
N ALA A 281 -6.58 3.78 -0.80
CA ALA A 281 -6.13 4.30 -2.09
C ALA A 281 -5.92 5.81 -1.97
N SER A 282 -4.72 6.18 -1.50
CA SER A 282 -4.30 7.57 -1.44
C SER A 282 -3.12 7.81 -2.39
N TYR A 283 -3.32 7.50 -3.66
CA TYR A 283 -2.34 7.71 -4.70
C TYR A 283 -3.12 8.01 -5.97
N TYR A 284 -2.54 8.77 -6.88
CA TYR A 284 -3.27 9.17 -8.08
C TYR A 284 -3.84 7.94 -8.78
N GLU A 285 -5.10 8.03 -9.22
CA GLU A 285 -5.85 6.86 -9.66
C GLU A 285 -5.27 6.27 -10.95
N GLU A 286 -4.64 7.11 -11.77
CA GLU A 286 -4.10 6.67 -13.05
C GLU A 286 -2.70 6.09 -12.93
N LEU A 287 -2.14 6.06 -11.71
CA LEU A 287 -1.00 5.21 -11.42
C LEU A 287 -1.46 3.75 -11.45
N PRO A 288 -0.52 2.80 -11.48
CA PRO A 288 -0.93 1.38 -11.61
C PRO A 288 -1.85 0.94 -10.48
N TYR A 289 -2.88 0.20 -10.84
CA TYR A 289 -3.77 -0.46 -9.87
C TYR A 289 -4.53 0.57 -9.04
N GLY A 290 -5.03 1.60 -9.72
CA GLY A 290 -5.70 2.68 -9.02
C GLY A 290 -6.92 2.21 -8.28
N ARG A 291 -7.17 2.84 -7.13
CA ARG A 291 -8.39 2.60 -6.34
C ARG A 291 -8.51 1.13 -5.90
N SER A 292 -7.38 0.52 -5.55
CA SER A 292 -7.31 -0.83 -5.02
C SER A 292 -6.93 -0.83 -3.54
N GLY A 293 -7.55 0.05 -2.74
CA GLY A 293 -7.45 0.02 -1.30
C GLY A 293 -8.80 -0.31 -0.66
N LEU A 294 -8.76 -0.65 0.63
CA LEU A 294 -10.00 -0.93 1.33
C LEU A 294 -10.97 0.25 1.24
N MET A 295 -10.45 1.48 1.18
CA MET A 295 -11.27 2.65 0.88
C MET A 295 -10.44 3.61 0.05
N THR A 296 -11.06 4.73 -0.33
CA THR A 296 -10.47 5.71 -1.23
C THR A 296 -10.29 7.05 -0.53
N ALA A 297 -9.07 7.61 -0.59
CA ALA A 297 -8.79 8.94 -0.03
C ALA A 297 -7.66 9.55 -0.87
N GLN A 298 -8.02 10.02 -2.06
CA GLN A 298 -7.05 10.43 -3.07
C GLN A 298 -7.24 11.89 -3.47
N GLU A 299 -7.79 12.70 -2.56
CA GLU A 299 -8.08 14.12 -2.82
C GLU A 299 -7.83 14.94 -1.55
N PRO A 300 -6.58 15.03 -1.10
CA PRO A 300 -6.32 15.89 0.07
C PRO A 300 -6.67 17.35 -0.15
N TRP A 301 -6.58 17.85 -1.39
CA TRP A 301 -6.96 19.23 -1.65
C TRP A 301 -8.44 19.46 -1.36
N SER A 302 -9.31 18.48 -1.63
CA SER A 302 -10.74 18.71 -1.43
C SER A 302 -11.26 18.17 -0.10
N GLY A 303 -10.52 17.25 0.53
CA GLY A 303 -11.00 16.53 1.68
C GLY A 303 -11.94 15.39 1.35
N HIS A 304 -12.24 15.19 0.07
CA HIS A 304 -13.16 14.14 -0.32
C HIS A 304 -12.50 12.78 -0.16
N TYR A 305 -13.22 11.85 0.45
CA TYR A 305 -12.82 10.44 0.52
C TYR A 305 -14.07 9.58 0.36
N VAL A 306 -13.88 8.29 0.21
CA VAL A 306 -15.01 7.39 -0.03
C VAL A 306 -14.83 6.14 0.83
N VAL A 307 -15.79 5.87 1.69
CA VAL A 307 -15.74 4.68 2.53
C VAL A 307 -16.28 3.53 1.71
N ALA A 308 -15.40 2.83 1.01
CA ALA A 308 -15.82 1.86 0.00
C ALA A 308 -16.34 0.59 0.65
N SER A 309 -17.07 -0.21 -0.14
CA SER A 309 -17.59 -1.49 0.33
C SER A 309 -16.58 -2.39 1.06
N PRO A 310 -15.31 -2.51 0.63
CA PRO A 310 -14.39 -3.39 1.39
C PRO A 310 -14.25 -3.05 2.87
N ILE A 311 -14.47 -1.79 3.26
CA ILE A 311 -14.42 -1.42 4.68
C ILE A 311 -15.45 -2.23 5.48
N TRP A 312 -16.69 -2.28 4.98
CA TRP A 312 -17.72 -3.01 5.69
C TRP A 312 -17.59 -4.53 5.51
N VAL A 313 -17.05 -4.98 4.39
CA VAL A 313 -16.74 -6.41 4.27
C VAL A 313 -15.73 -6.80 5.33
N SER A 314 -14.69 -5.98 5.52
CA SER A 314 -13.73 -6.21 6.60
C SER A 314 -14.42 -6.30 7.95
N ALA A 315 -15.33 -5.36 8.22
CA ALA A 315 -15.93 -5.25 9.56
C ALA A 315 -16.68 -6.53 9.92
N HIS A 316 -17.25 -7.21 8.93
CA HIS A 316 -17.96 -8.45 9.17
C HIS A 316 -17.09 -9.52 9.82
N THR A 317 -15.78 -9.43 9.68
CA THR A 317 -14.86 -10.30 10.38
C THR A 317 -14.16 -9.62 11.56
N THR A 318 -13.60 -8.43 11.33
CA THR A 318 -12.68 -7.84 12.32
C THR A 318 -13.41 -7.40 13.59
N GLN A 319 -14.65 -6.90 13.48
CA GLN A 319 -15.33 -6.41 14.67
C GLN A 319 -15.77 -7.53 15.59
N PHE A 320 -15.77 -8.77 15.11
CA PHE A 320 -16.30 -9.91 15.84
C PHE A 320 -15.29 -11.04 15.99
N THR A 321 -14.02 -10.77 15.68
CA THR A 321 -12.93 -11.67 15.99
C THR A 321 -11.76 -10.82 16.46
N GLN A 322 -10.83 -11.47 17.15
CA GLN A 322 -9.54 -10.89 17.49
C GLN A 322 -8.48 -11.96 17.28
N PRO A 323 -7.23 -11.55 17.03
CA PRO A 323 -6.13 -12.53 17.06
C PRO A 323 -6.14 -13.26 18.40
N GLY A 324 -5.91 -14.56 18.35
CA GLY A 324 -5.97 -15.37 19.54
C GLY A 324 -7.24 -16.17 19.69
N TRP A 325 -8.34 -15.74 19.08
CA TRP A 325 -9.48 -16.61 18.86
C TRP A 325 -9.04 -17.84 18.06
N TYR A 326 -9.92 -18.84 18.01
CA TYR A 326 -9.67 -20.09 17.31
C TYR A 326 -10.79 -20.39 16.32
N TYR A 327 -10.43 -20.85 15.14
CA TYR A 327 -11.41 -21.40 14.22
C TYR A 327 -11.94 -22.72 14.77
N LEU A 328 -13.22 -22.97 14.54
CA LEU A 328 -13.75 -24.29 14.83
C LEU A 328 -13.24 -25.28 13.79
N LYS A 329 -13.34 -26.57 14.11
CA LYS A 329 -13.09 -27.55 13.07
C LYS A 329 -14.20 -27.54 12.04
N THR A 330 -15.40 -27.09 12.41
CA THR A 330 -16.58 -27.19 11.55
C THR A 330 -16.74 -25.88 10.79
N VAL A 331 -16.01 -25.80 9.68
CA VAL A 331 -16.11 -24.73 8.71
C VAL A 331 -16.23 -25.43 7.36
N GLY A 332 -16.78 -24.72 6.37
CA GLY A 332 -16.89 -25.35 5.07
C GLY A 332 -17.62 -24.49 4.06
N HIS A 333 -17.87 -25.12 2.92
CA HIS A 333 -18.67 -24.59 1.83
C HIS A 333 -20.14 -24.95 2.02
N LEU A 334 -21.01 -24.10 1.48
CA LEU A 334 -22.44 -24.35 1.47
C LEU A 334 -22.81 -25.23 0.28
N GLU A 335 -23.95 -25.92 0.40
CA GLU A 335 -24.37 -26.88 -0.61
C GLU A 335 -24.47 -26.22 -1.99
N LYS A 336 -25.10 -25.06 -2.08
CA LYS A 336 -25.36 -24.41 -3.36
C LYS A 336 -24.47 -23.19 -3.61
N GLY A 337 -23.32 -23.11 -2.95
CA GLY A 337 -22.40 -22.01 -3.20
C GLY A 337 -22.19 -21.11 -2.01
N GLY A 338 -20.96 -20.61 -1.85
CA GLY A 338 -20.59 -19.83 -0.69
C GLY A 338 -19.94 -20.70 0.36
N SER A 339 -19.66 -20.08 1.51
CA SER A 339 -18.89 -20.73 2.56
C SER A 339 -19.30 -20.15 3.91
N TYR A 340 -18.81 -20.78 4.98
CA TYR A 340 -19.01 -20.27 6.32
C TYR A 340 -17.81 -20.66 7.17
N VAL A 341 -17.37 -19.73 8.03
CA VAL A 341 -16.41 -20.02 9.08
C VAL A 341 -17.06 -19.71 10.42
N ALA A 342 -16.51 -20.29 11.49
CA ALA A 342 -16.95 -20.01 12.85
C ALA A 342 -15.75 -20.00 13.79
N LEU A 343 -15.80 -19.13 14.80
CA LEU A 343 -14.68 -18.97 15.70
C LEU A 343 -15.19 -18.77 17.12
N THR A 344 -14.35 -19.13 18.09
CA THR A 344 -14.62 -18.86 19.50
C THR A 344 -13.38 -18.25 20.13
N ASP A 345 -13.57 -17.61 21.29
CA ASP A 345 -12.48 -17.04 22.07
C ASP A 345 -12.16 -17.85 23.33
N GLY A 346 -12.74 -19.04 23.46
CA GLY A 346 -12.60 -19.82 24.67
C GLY A 346 -13.29 -19.24 25.88
N LEU A 347 -14.07 -18.17 25.72
CA LEU A 347 -14.78 -17.53 26.83
C LEU A 347 -16.29 -17.62 26.69
N GLY A 348 -16.78 -18.47 25.79
CA GLY A 348 -18.21 -18.54 25.58
C GLY A 348 -18.74 -17.69 24.44
N ASN A 349 -17.88 -16.96 23.73
CA ASN A 349 -18.33 -16.24 22.55
C ASN A 349 -18.20 -17.10 21.30
N LEU A 350 -19.06 -16.81 20.33
CA LEU A 350 -19.09 -17.50 19.05
C LEU A 350 -19.38 -16.49 17.96
N THR A 351 -18.63 -16.59 16.86
CA THR A 351 -18.86 -15.76 15.69
C THR A 351 -18.96 -16.67 14.47
N ILE A 352 -19.99 -16.45 13.66
CA ILE A 352 -20.24 -17.22 12.43
C ILE A 352 -20.26 -16.20 11.29
N ILE A 353 -19.46 -16.45 10.26
CA ILE A 353 -19.36 -15.53 9.14
C ILE A 353 -19.73 -16.31 7.88
N ILE A 354 -20.77 -15.85 7.18
CA ILE A 354 -21.31 -16.54 6.03
C ILE A 354 -21.23 -15.63 4.81
N GLU A 355 -20.80 -16.18 3.69
CA GLU A 355 -20.60 -15.44 2.45
C GLU A 355 -21.17 -16.25 1.29
N THR A 356 -21.89 -15.57 0.39
CA THR A 356 -22.41 -16.22 -0.81
C THR A 356 -22.01 -15.48 -2.07
N MET A 357 -20.78 -14.97 -2.11
CA MET A 357 -20.33 -14.21 -3.27
C MET A 357 -20.42 -15.03 -4.55
N SER A 358 -21.07 -14.46 -5.57
CA SER A 358 -21.18 -15.09 -6.87
C SER A 358 -19.90 -14.87 -7.68
N HIS A 359 -19.71 -15.74 -8.67
CA HIS A 359 -18.52 -15.65 -9.49
C HIS A 359 -18.45 -14.32 -10.23
N GLN A 360 -19.55 -13.92 -10.88
CA GLN A 360 -19.57 -12.68 -11.66
C GLN A 360 -19.31 -11.45 -10.80
N HIS A 361 -19.44 -11.57 -9.48
CA HIS A 361 -19.36 -10.39 -8.63
C HIS A 361 -18.29 -10.50 -7.56
N SER A 362 -17.35 -11.43 -7.70
CA SER A 362 -16.30 -11.54 -6.69
C SER A 362 -14.92 -11.79 -7.31
N MET A 363 -14.72 -11.42 -8.58
CA MET A 363 -13.46 -11.70 -9.24
C MET A 363 -12.34 -10.85 -8.66
N CYS A 364 -11.29 -11.50 -8.18
CA CYS A 364 -10.03 -10.83 -7.89
C CYS A 364 -9.19 -10.75 -9.16
N ILE A 365 -8.20 -9.86 -9.16
CA ILE A 365 -7.36 -9.81 -10.35
C ILE A 365 -6.40 -11.00 -10.42
N ARG A 366 -6.15 -11.68 -9.31
CA ARG A 366 -5.07 -12.67 -9.25
C ARG A 366 -5.32 -13.72 -8.16
N PRO A 367 -5.66 -14.96 -8.52
CA PRO A 367 -5.96 -15.46 -9.87
C PRO A 367 -7.39 -15.23 -10.31
N TYR A 368 -7.65 -15.58 -11.56
CA TYR A 368 -9.00 -15.61 -12.09
C TYR A 368 -9.56 -17.00 -11.86
N LEU A 369 -10.72 -17.08 -11.14
CA LEU A 369 -11.35 -18.40 -10.92
C LEU A 369 -12.24 -18.77 -12.10
N PRO A 370 -12.19 -20.01 -12.56
CA PRO A 370 -13.25 -20.50 -13.44
C PRO A 370 -14.61 -20.39 -12.76
N TYR A 371 -15.66 -20.42 -13.59
CA TYR A 371 -17.02 -20.24 -13.09
C TYR A 371 -17.36 -21.25 -12.01
N TYR A 372 -18.04 -20.77 -10.98
CA TYR A 372 -18.71 -21.60 -10.00
C TYR A 372 -20.11 -21.07 -9.83
N ASN A 373 -21.02 -21.95 -9.45
CA ASN A 373 -22.43 -21.63 -9.37
C ASN A 373 -22.78 -21.20 -7.95
N VAL A 374 -23.68 -20.22 -7.83
CA VAL A 374 -24.26 -19.81 -6.55
C VAL A 374 -25.74 -19.56 -6.77
N SER A 375 -26.57 -20.12 -5.89
CA SER A 375 -28.02 -19.99 -6.04
C SER A 375 -28.66 -19.90 -4.66
N HIS A 376 -29.95 -19.53 -4.65
CA HIS A 376 -30.70 -19.42 -3.42
C HIS A 376 -30.65 -20.74 -2.66
N GLN A 377 -30.53 -20.67 -1.33
CA GLN A 377 -30.54 -21.87 -0.53
C GLN A 377 -30.98 -21.54 0.89
N LEU A 378 -31.32 -22.59 1.62
CA LEU A 378 -31.64 -22.49 3.03
C LEU A 378 -30.52 -23.20 3.79
N ALA A 379 -29.95 -22.51 4.76
CA ALA A 379 -28.88 -23.10 5.57
C ALA A 379 -29.38 -23.27 7.00
N THR A 380 -29.24 -24.49 7.51
CA THR A 380 -29.56 -24.81 8.89
C THR A 380 -28.27 -25.05 9.67
N PHE A 381 -28.15 -24.41 10.83
CA PHE A 381 -26.98 -24.57 11.69
C PHE A 381 -27.39 -25.10 13.06
N THR A 382 -26.62 -26.05 13.58
CA THR A 382 -26.90 -26.67 14.88
C THR A 382 -25.69 -26.54 15.76
N LEU A 383 -25.89 -25.99 16.96
CA LEU A 383 -24.80 -25.74 17.90
C LEU A 383 -24.68 -26.95 18.83
N LYS A 384 -23.56 -27.66 18.74
CA LYS A 384 -23.23 -28.78 19.62
C LYS A 384 -22.01 -28.41 20.47
N GLY A 385 -21.62 -29.33 21.34
CA GLY A 385 -20.49 -29.09 22.23
C GLY A 385 -20.77 -27.93 23.17
N SER A 386 -19.72 -27.15 23.46
CA SER A 386 -19.86 -26.03 24.39
C SER A 386 -20.80 -24.95 23.86
N LEU A 387 -20.99 -24.88 22.54
CA LEU A 387 -21.90 -23.91 21.94
C LEU A 387 -23.34 -24.20 22.24
N ARG A 388 -23.60 -25.29 22.97
CA ARG A 388 -24.96 -25.79 23.13
C ARG A 388 -25.89 -24.77 23.78
N GLU A 389 -25.37 -23.98 24.73
CA GLU A 389 -26.19 -22.95 25.35
C GLU A 389 -26.54 -21.87 24.32
N ILE A 390 -26.04 -20.65 24.51
CA ILE A 390 -26.22 -19.57 23.56
C ILE A 390 -27.69 -19.46 23.14
N GLN A 391 -28.48 -18.76 23.95
CA GLN A 391 -29.89 -18.59 23.58
C GLN A 391 -30.10 -17.46 22.58
N GLU A 392 -29.09 -16.63 22.31
CA GLU A 392 -29.26 -15.50 21.41
C GLU A 392 -27.96 -15.19 20.66
N LEU A 393 -28.12 -14.63 19.46
CA LEU A 393 -27.03 -14.24 18.59
C LEU A 393 -27.42 -12.95 17.88
N GLN A 394 -26.47 -12.02 17.80
CA GLN A 394 -26.69 -10.78 17.05
C GLN A 394 -26.42 -11.02 15.57
N VAL A 395 -27.13 -10.28 14.72
CA VAL A 395 -27.07 -10.49 13.27
C VAL A 395 -26.65 -9.18 12.60
N TRP A 396 -25.61 -9.25 11.78
CA TRP A 396 -25.18 -8.17 10.91
C TRP A 396 -25.20 -8.66 9.47
N TYR A 397 -25.71 -7.83 8.56
CA TYR A 397 -26.01 -8.24 7.20
C TYR A 397 -25.53 -7.23 6.18
N THR A 398 -24.97 -7.72 5.08
CA THR A 398 -24.58 -6.89 3.95
C THR A 398 -25.03 -7.53 2.65
N LYS A 399 -25.52 -6.72 1.73
CA LYS A 399 -25.91 -7.15 0.39
C LYS A 399 -25.16 -6.27 -0.60
N LEU A 400 -24.36 -6.90 -1.46
CA LEU A 400 -23.50 -6.16 -2.37
C LEU A 400 -24.13 -6.04 -3.75
N GLY A 401 -23.96 -4.90 -4.39
CA GLY A 401 -24.49 -4.65 -5.71
C GLY A 401 -25.71 -3.75 -5.73
N GLN A 405 -27.03 0.26 -6.23
CA GLN A 405 -27.83 -0.43 -5.22
C GLN A 405 -26.97 -0.79 -3.99
N ARG A 406 -27.54 -1.65 -3.12
CA ARG A 406 -26.90 -2.32 -1.97
C ARG A 406 -27.24 -1.71 -0.61
N LEU A 407 -26.91 -2.45 0.47
CA LEU A 407 -27.05 -2.04 1.86
C LEU A 407 -25.88 -2.64 2.63
N HIS A 408 -25.25 -1.85 3.51
CA HIS A 408 -23.94 -2.21 4.07
C HIS A 408 -23.99 -2.28 5.60
N PHE A 409 -23.54 -3.42 6.14
CA PHE A 409 -23.30 -3.61 7.58
C PHE A 409 -24.48 -3.13 8.43
N LYS A 410 -25.67 -3.61 8.09
CA LYS A 410 -26.87 -3.29 8.86
C LYS A 410 -27.08 -4.33 9.96
N GLN A 411 -27.41 -3.87 11.16
CA GLN A 411 -27.70 -4.75 12.28
C GLN A 411 -29.18 -5.13 12.24
N LEU A 412 -29.46 -6.43 12.21
CA LEU A 412 -30.82 -6.94 12.19
C LEU A 412 -31.23 -7.44 13.56
N ASP A 413 -32.51 -7.80 13.68
CA ASP A 413 -33.06 -8.30 14.93
C ASP A 413 -32.29 -9.53 15.41
N THR A 414 -32.09 -9.59 16.72
CA THR A 414 -31.46 -10.75 17.34
C THR A 414 -32.22 -12.02 17.01
N LEU A 415 -31.49 -13.08 16.66
CA LEU A 415 -32.06 -14.41 16.51
C LEU A 415 -32.02 -15.13 17.86
N TRP A 416 -33.07 -15.90 18.14
CA TRP A 416 -33.21 -16.56 19.44
C TRP A 416 -33.21 -18.08 19.26
N LEU A 417 -32.33 -18.75 20.00
CA LEU A 417 -32.16 -20.19 19.96
C LEU A 417 -32.84 -20.88 21.15
N LEU A 418 -33.72 -20.17 21.83
CA LEU A 418 -34.39 -20.59 23.06
C LEU A 418 -35.32 -21.82 22.87
N ASP A 419 -35.45 -22.42 21.68
CA ASP A 419 -36.31 -23.59 21.53
C ASP A 419 -35.64 -24.88 21.99
N GLY A 420 -34.45 -24.81 22.59
CA GLY A 420 -33.76 -25.97 23.12
C GLY A 420 -32.97 -26.80 22.13
N SER A 421 -33.18 -26.58 20.83
CA SER A 421 -32.51 -27.37 19.80
C SER A 421 -31.12 -26.86 19.45
N GLY A 422 -30.73 -25.70 19.96
CA GLY A 422 -29.44 -25.12 19.55
C GLY A 422 -29.34 -24.98 18.05
N SER A 423 -30.45 -24.67 17.39
CA SER A 423 -30.54 -24.71 15.94
C SER A 423 -31.34 -23.54 15.40
N PHE A 424 -30.91 -23.03 14.24
CA PHE A 424 -31.59 -21.97 13.52
C PHE A 424 -31.39 -22.20 12.03
N THR A 425 -32.14 -21.47 11.22
CA THR A 425 -31.97 -21.49 9.78
C THR A 425 -32.21 -20.08 9.21
N LEU A 426 -31.68 -19.83 8.00
CA LEU A 426 -31.90 -18.56 7.32
C LEU A 426 -31.93 -18.75 5.81
N GLU A 427 -32.65 -17.85 5.14
CA GLU A 427 -32.74 -17.84 3.68
C GLU A 427 -31.58 -17.01 3.13
N LEU A 428 -30.63 -17.67 2.50
CA LEU A 428 -29.53 -17.01 1.86
C LEU A 428 -29.84 -16.81 0.38
N GLU A 429 -29.42 -15.68 -0.18
CA GLU A 429 -29.40 -15.56 -1.63
C GLU A 429 -27.97 -15.27 -2.07
N GLU A 430 -27.78 -14.75 -3.28
CA GLU A 430 -26.43 -14.51 -3.79
C GLU A 430 -25.88 -13.17 -3.30
N ASP A 431 -24.57 -13.15 -3.08
CA ASP A 431 -23.80 -11.92 -2.81
C ASP A 431 -24.14 -11.30 -1.45
N GLU A 432 -24.32 -12.15 -0.43
CA GLU A 432 -24.65 -11.69 0.91
C GLU A 432 -23.56 -12.06 1.90
N ILE A 433 -23.52 -11.32 3.02
CA ILE A 433 -22.69 -11.68 4.17
C ILE A 433 -23.55 -11.57 5.41
N PHE A 434 -23.54 -12.62 6.22
CA PHE A 434 -24.13 -12.59 7.55
C PHE A 434 -23.02 -12.77 8.57
N THR A 435 -23.05 -11.98 9.63
CA THR A 435 -22.26 -12.29 10.82
C THR A 435 -23.22 -12.47 11.98
N LEU A 436 -23.15 -13.64 12.61
CA LEU A 436 -23.94 -14.00 13.78
C LEU A 436 -22.97 -14.18 14.93
N THR A 437 -23.22 -13.50 16.04
CA THR A 437 -22.19 -13.45 17.07
C THR A 437 -22.85 -13.23 18.41
N THR A 438 -22.28 -13.87 19.43
CA THR A 438 -22.63 -13.54 20.81
C THR A 438 -22.14 -12.15 21.17
N LEU A 439 -21.04 -11.70 20.55
CA LEU A 439 -20.48 -10.40 20.86
C LEU A 439 -21.51 -9.30 20.61
N THR A 440 -21.51 -8.29 21.49
CA THR A 440 -22.51 -7.26 21.44
C THR A 440 -21.90 -5.88 21.16
N THR A 441 -20.64 -5.85 20.77
CA THR A 441 -19.89 -4.61 20.65
C THR A 441 -19.96 -4.00 19.24
N GLY A 442 -20.71 -4.61 18.32
CA GLY A 442 -20.65 -4.18 16.93
C GLY A 442 -21.23 -2.79 16.73
N ARG A 443 -20.68 -2.08 15.76
CA ARG A 443 -21.14 -0.73 15.46
C ARG A 443 -20.75 -0.36 14.03
N LYS A 444 -21.70 0.22 13.29
CA LYS A 444 -21.40 0.81 11.99
C LYS A 444 -21.06 2.28 12.23
N GLY A 445 -19.78 2.55 12.45
CA GLY A 445 -19.32 3.91 12.61
C GLY A 445 -19.77 4.84 11.51
N SER A 446 -20.03 6.08 11.89
CA SER A 446 -20.56 7.08 10.98
C SER A 446 -20.01 8.45 11.33
N TYR A 447 -19.33 9.07 10.38
CA TYR A 447 -19.10 10.50 10.42
C TYR A 447 -19.96 11.16 9.35
N PRO A 448 -20.20 12.46 9.44
CA PRO A 448 -20.98 13.14 8.39
C PRO A 448 -20.27 13.00 7.05
N PRO A 449 -20.97 13.26 5.94
CA PRO A 449 -20.31 13.13 4.64
C PRO A 449 -19.21 14.17 4.47
N PRO A 450 -18.13 13.83 3.76
CA PRO A 450 -17.04 14.77 3.57
C PRO A 450 -17.30 15.60 2.32
N PRO A 451 -16.48 16.63 2.04
CA PRO A 451 -16.75 17.48 0.88
C PRO A 451 -16.83 16.67 -0.41
N SER A 452 -17.57 17.22 -1.37
CA SER A 452 -17.71 16.62 -2.69
C SER A 452 -16.35 16.47 -3.36
N SER A 453 -16.28 15.57 -4.34
CA SER A 453 -15.04 15.41 -5.09
C SER A 453 -14.76 16.66 -5.91
N LYS A 454 -13.48 16.96 -6.09
CA LYS A 454 -13.06 18.10 -6.90
C LYS A 454 -11.78 17.75 -7.62
N PRO A 455 -11.58 18.25 -8.84
CA PRO A 455 -10.31 18.02 -9.53
C PRO A 455 -9.17 18.69 -8.79
N PHE A 456 -7.95 18.22 -9.08
CA PHE A 456 -6.78 18.91 -8.58
C PHE A 456 -6.86 20.39 -8.95
N PRO A 457 -6.50 21.30 -8.06
CA PRO A 457 -6.60 22.73 -8.37
C PRO A 457 -5.91 23.07 -9.68
N THR A 458 -6.57 23.88 -10.51
CA THR A 458 -6.04 24.19 -11.84
C THR A 458 -4.97 25.26 -11.80
N ASN A 459 -4.91 26.03 -10.73
CA ASN A 459 -3.77 26.86 -10.41
C ASN A 459 -3.20 26.37 -9.09
N TYR A 460 -1.91 26.07 -9.07
CA TYR A 460 -1.29 25.45 -7.92
C TYR A 460 0.15 25.91 -7.83
N LYS A 461 0.61 26.18 -6.61
CA LYS A 461 1.94 26.73 -6.38
C LYS A 461 2.52 26.13 -5.11
N ASP A 462 3.84 26.00 -5.07
CA ASP A 462 4.51 25.65 -3.83
C ASP A 462 5.92 26.25 -3.85
N ASP A 463 6.18 27.17 -2.91
CA ASP A 463 7.49 27.77 -2.73
C ASP A 463 8.37 26.98 -1.76
N PHE A 464 7.84 25.88 -1.18
CA PHE A 464 8.58 24.97 -0.30
C PHE A 464 9.10 25.65 0.96
N ASN A 465 8.50 26.77 1.36
CA ASN A 465 9.03 27.59 2.44
C ASN A 465 8.39 27.13 3.76
N VAL A 466 8.95 26.05 4.31
CA VAL A 466 8.50 25.44 5.55
C VAL A 466 9.75 25.06 6.34
N GLU A 467 9.91 25.62 7.54
CA GLU A 467 11.15 25.46 8.27
C GLU A 467 11.19 24.17 9.07
N TYR A 468 10.05 23.73 9.59
CA TYR A 468 9.92 22.45 10.30
C TYR A 468 8.75 21.67 9.72
N PRO A 469 8.91 21.06 8.55
CA PRO A 469 7.80 20.33 7.95
C PRO A 469 7.37 19.15 8.81
N LEU A 470 6.08 18.83 8.74
CA LEU A 470 5.59 17.64 9.43
C LEU A 470 6.03 16.37 8.73
N PHE A 471 6.16 16.41 7.41
CA PHE A 471 6.62 15.28 6.61
C PHE A 471 7.82 15.71 5.78
N SER A 472 8.63 14.72 5.40
CA SER A 472 9.92 15.04 4.80
C SER A 472 9.81 15.54 3.36
N GLU A 473 8.64 15.42 2.72
CA GLU A 473 8.46 15.87 1.35
C GLU A 473 7.24 16.78 1.25
N ALA A 474 7.32 17.76 0.35
CA ALA A 474 6.19 18.65 0.10
C ALA A 474 4.97 17.85 -0.39
N PRO A 475 3.76 18.34 -0.11
CA PRO A 475 2.55 17.58 -0.45
C PRO A 475 2.37 17.39 -1.95
N ASN A 476 1.61 16.35 -2.29
CA ASN A 476 1.15 16.07 -3.65
C ASN A 476 2.26 15.69 -4.63
N PHE A 477 3.53 15.91 -4.30
CA PHE A 477 4.59 15.43 -5.17
C PHE A 477 4.75 13.93 -4.97
N ALA A 478 4.47 13.14 -6.00
CA ALA A 478 4.58 11.68 -5.92
C ALA A 478 5.82 11.22 -6.69
N ASP A 479 6.90 10.95 -5.96
CA ASP A 479 8.14 10.48 -6.57
C ASP A 479 7.95 9.14 -7.27
N GLN A 480 8.39 9.05 -8.53
CA GLN A 480 8.29 7.84 -9.31
C GLN A 480 9.65 7.27 -9.71
N THR A 481 10.71 8.05 -9.61
CA THR A 481 12.07 7.51 -9.49
C THR A 481 12.88 8.59 -8.80
N GLY A 482 13.79 8.18 -7.92
CA GLY A 482 14.47 9.11 -7.04
C GLY A 482 13.60 9.48 -5.85
N VAL A 483 14.16 10.36 -5.00
CA VAL A 483 13.50 10.80 -3.77
C VAL A 483 13.72 12.31 -3.64
N PHE A 484 12.62 13.05 -3.50
CA PHE A 484 12.64 14.49 -3.36
C PHE A 484 12.20 14.84 -1.95
N GLU A 485 12.92 15.78 -1.33
CA GLU A 485 12.73 16.11 0.08
C GLU A 485 12.86 17.62 0.27
N TYR A 486 12.13 18.14 1.26
CA TYR A 486 12.39 19.48 1.74
C TYR A 486 13.87 19.64 2.07
N TYR A 487 14.45 20.78 1.69
CA TYR A 487 15.86 21.02 1.91
C TYR A 487 16.07 22.44 2.42
N MET A 488 16.86 22.56 3.48
CA MET A 488 17.22 23.87 4.02
C MET A 488 18.68 24.17 3.69
N ASN A 489 18.90 25.31 3.03
CA ASN A 489 20.24 25.79 2.71
C ASN A 489 20.41 27.11 3.46
N ASN A 490 21.10 27.07 4.59
CA ASN A 490 21.28 28.26 5.40
C ASN A 490 22.33 29.20 4.83
N GLU A 491 23.23 28.70 3.99
CA GLU A 491 24.23 29.53 3.30
C GLU A 491 23.62 30.34 2.15
N ASP A 492 22.31 30.31 1.98
CA ASP A 492 21.62 31.05 0.94
C ASP A 492 20.39 31.71 1.54
N ARG A 493 20.04 32.88 1.01
CA ARG A 493 18.87 33.64 1.46
C ARG A 493 17.71 33.59 0.49
N GLU A 494 17.97 33.64 -0.82
CA GLU A 494 16.91 33.65 -1.82
C GLU A 494 16.27 32.28 -2.00
N HIS A 495 17.07 31.21 -1.89
CA HIS A 495 16.54 29.84 -1.96
C HIS A 495 16.94 29.10 -0.68
N ARG A 496 16.48 29.59 0.47
CA ARG A 496 16.81 28.94 1.73
C ARG A 496 16.03 27.65 1.90
N PHE A 497 14.82 27.59 1.34
CA PHE A 497 13.93 26.46 1.50
C PHE A 497 13.55 25.93 0.12
N THR A 498 14.11 24.78 -0.26
CA THR A 498 13.90 24.24 -1.59
C THR A 498 13.41 22.79 -1.48
N LEU A 499 13.15 22.19 -2.63
CA LEU A 499 12.91 20.76 -2.76
C LEU A 499 14.10 20.14 -3.49
N ARG A 500 14.71 19.14 -2.88
CA ARG A 500 15.94 18.55 -3.40
C ARG A 500 15.75 17.07 -3.74
N GLN A 501 16.32 16.63 -4.87
CA GLN A 501 16.42 15.22 -5.19
C GLN A 501 17.66 14.67 -4.49
N VAL A 502 17.52 13.64 -3.66
CA VAL A 502 18.61 13.27 -2.74
C VAL A 502 19.27 11.95 -3.07
N LEU A 503 18.82 11.21 -4.08
CA LEU A 503 19.53 9.98 -4.41
C LEU A 503 20.73 10.31 -5.29
N ASN A 504 21.91 9.77 -4.94
CA ASN A 504 23.10 9.88 -5.80
C ASN A 504 23.51 8.54 -6.43
N GLN A 505 22.68 7.50 -6.34
CA GLN A 505 22.91 6.27 -7.08
C GLN A 505 21.64 5.43 -7.11
N ARG A 506 21.55 4.62 -8.16
CA ARG A 506 20.40 3.77 -8.39
C ARG A 506 20.19 2.85 -7.20
N PRO A 507 18.97 2.75 -6.66
CA PRO A 507 18.71 1.76 -5.61
C PRO A 507 18.89 0.34 -6.12
N ILE A 508 18.97 -0.61 -5.18
CA ILE A 508 18.68 -2.01 -5.47
C ILE A 508 17.18 -2.09 -5.77
N THR A 509 16.84 -2.17 -7.05
CA THR A 509 15.48 -1.89 -7.49
C THR A 509 14.56 -3.11 -7.36
N TRP A 510 13.30 -2.84 -7.01
CA TRP A 510 12.21 -3.80 -7.12
C TRP A 510 11.59 -3.74 -8.52
N ALA A 511 11.30 -2.51 -8.98
CA ALA A 511 10.73 -2.22 -10.28
C ALA A 511 11.82 -1.92 -11.30
N ALA A 512 11.39 -1.61 -12.52
CA ALA A 512 12.27 -1.02 -13.53
C ALA A 512 12.25 0.51 -13.39
N ASP A 513 12.87 0.99 -12.32
CA ASP A 513 13.03 2.44 -12.15
C ASP A 513 13.59 3.09 -13.42
N ALA A 514 13.14 4.31 -13.69
CA ALA A 514 13.71 5.09 -14.77
C ALA A 514 15.20 5.34 -14.52
N SER A 515 15.89 5.75 -15.60
CA SER A 515 17.27 6.24 -15.57
C SER A 515 17.36 7.68 -15.11
N SER A 516 16.25 8.40 -15.16
CA SER A 516 16.13 9.75 -14.67
C SER A 516 15.20 9.75 -13.46
N THR A 517 15.44 10.66 -12.52
CA THR A 517 14.50 10.81 -11.43
C THR A 517 13.31 11.66 -11.89
N ILE A 518 12.17 11.50 -11.22
CA ILE A 518 10.97 12.23 -11.61
C ILE A 518 9.92 12.16 -10.50
N SER A 519 9.24 13.27 -10.27
CA SER A 519 8.12 13.37 -9.35
C SER A 519 6.96 14.00 -10.10
N VAL A 520 5.80 13.36 -10.08
CA VAL A 520 4.64 13.85 -10.79
C VAL A 520 3.69 14.46 -9.77
N ILE A 521 2.85 15.37 -10.26
CA ILE A 521 1.92 16.11 -9.40
C ILE A 521 0.75 16.56 -10.26
N GLY A 522 -0.43 16.66 -9.64
CA GLY A 522 -1.53 17.34 -10.28
C GLY A 522 -2.68 16.48 -10.77
N ASP A 523 -3.23 16.84 -11.92
CA ASP A 523 -4.38 16.17 -12.50
C ASP A 523 -3.95 15.46 -13.76
N HIS A 524 -4.02 14.11 -13.76
CA HIS A 524 -3.64 13.33 -14.93
C HIS A 524 -4.44 13.70 -16.18
N HIS A 525 -5.62 14.30 -16.03
CA HIS A 525 -6.42 14.67 -17.20
C HIS A 525 -5.99 15.99 -17.83
N TRP A 526 -5.10 16.75 -17.18
CA TRP A 526 -4.63 18.00 -17.73
C TRP A 526 -4.12 17.81 -19.15
N THR A 527 -4.54 18.68 -20.06
CA THR A 527 -4.05 18.62 -21.43
C THR A 527 -3.31 19.88 -21.87
N ASN A 528 -3.78 21.06 -21.47
CA ASN A 528 -3.10 22.32 -21.75
C ASN A 528 -2.60 22.88 -20.44
N MET A 529 -1.29 23.16 -20.37
CA MET A 529 -0.74 23.58 -19.10
C MET A 529 0.50 24.42 -19.32
N THR A 530 0.78 25.25 -18.33
CA THR A 530 2.04 25.97 -18.19
C THR A 530 2.65 25.55 -16.87
N VAL A 531 3.87 25.02 -16.92
CA VAL A 531 4.60 24.60 -15.73
C VAL A 531 5.80 25.50 -15.59
N GLN A 532 6.04 25.98 -14.38
CA GLN A 532 7.19 26.82 -14.12
C GLN A 532 7.86 26.37 -12.83
N CYS A 533 9.19 26.48 -12.80
CA CYS A 533 9.95 26.06 -11.63
C CYS A 533 11.37 26.64 -11.69
N ASP A 534 11.88 27.07 -10.55
CA ASP A 534 13.31 27.31 -10.40
C ASP A 534 14.04 25.99 -10.21
N VAL A 535 15.16 25.82 -10.91
CA VAL A 535 15.95 24.60 -10.85
C VAL A 535 17.42 24.95 -10.63
N TYR A 536 18.14 24.02 -10.02
CA TYR A 536 19.54 24.20 -9.65
C TYR A 536 20.24 22.86 -9.82
N ILE A 537 21.26 22.82 -10.68
CA ILE A 537 22.00 21.61 -11.03
C ILE A 537 23.27 21.59 -10.18
N GLU A 538 23.45 20.55 -9.36
CA GLU A 538 24.61 20.56 -8.45
C GLU A 538 25.85 19.94 -9.04
N THR A 539 25.73 19.12 -10.10
CA THR A 539 26.86 18.38 -10.65
C THR A 539 27.45 19.13 -11.83
N PRO A 540 28.72 19.53 -11.78
CA PRO A 540 29.28 20.30 -12.90
C PRO A 540 29.47 19.46 -14.16
N ARG A 541 29.35 20.13 -15.31
CA ARG A 541 29.60 19.60 -16.65
C ARG A 541 28.56 18.57 -17.08
N SER A 542 28.27 17.56 -16.25
CA SER A 542 27.44 16.45 -16.65
C SER A 542 26.01 16.52 -16.13
N GLY A 543 25.70 17.50 -15.27
CA GLY A 543 24.40 17.52 -14.62
C GLY A 543 23.29 17.97 -15.55
N GLY A 544 22.06 17.64 -15.16
CA GLY A 544 20.91 17.99 -15.96
C GLY A 544 19.61 17.81 -15.22
N VAL A 545 18.62 18.65 -15.54
CA VAL A 545 17.30 18.63 -14.90
C VAL A 545 16.25 18.93 -15.94
N PHE A 546 14.98 18.74 -15.56
CA PHE A 546 13.88 19.00 -16.47
C PHE A 546 12.62 19.37 -15.71
N ILE A 547 11.72 20.06 -16.44
CA ILE A 547 10.32 20.15 -16.08
C ILE A 547 9.52 19.54 -17.24
N ALA A 548 8.32 19.07 -16.93
CA ALA A 548 7.55 18.34 -17.94
C ALA A 548 6.06 18.53 -17.70
N GLY A 549 5.30 18.21 -18.74
CA GLY A 549 3.85 18.13 -18.64
C GLY A 549 3.35 17.04 -19.57
N ARG A 550 2.04 16.78 -19.47
CA ARG A 550 1.39 15.69 -20.17
C ARG A 550 2.06 14.33 -19.89
N VAL A 551 2.58 14.13 -18.68
CA VAL A 551 3.27 12.88 -18.32
C VAL A 551 2.22 11.80 -18.07
N ASN A 552 2.18 10.78 -18.93
CA ASN A 552 1.02 9.91 -19.03
C ASN A 552 1.10 8.61 -18.22
N LYS A 553 2.27 8.19 -17.77
CA LYS A 553 2.39 6.94 -17.02
C LYS A 553 3.31 7.14 -15.82
N GLY A 554 3.13 6.32 -14.80
CA GLY A 554 4.03 6.41 -13.66
C GLY A 554 4.13 5.08 -12.94
N GLY A 555 4.69 5.10 -11.74
CA GLY A 555 4.72 3.90 -10.93
C GLY A 555 5.54 2.82 -11.60
N ILE A 556 5.01 1.60 -11.59
CA ILE A 556 5.72 0.47 -12.17
C ILE A 556 6.04 0.73 -13.64
N LEU A 557 5.22 1.53 -14.33
CA LEU A 557 5.43 1.80 -15.74
C LEU A 557 6.15 3.11 -15.98
N ILE A 558 6.82 3.67 -14.98
CA ILE A 558 7.39 5.02 -15.13
C ILE A 558 8.40 5.07 -16.28
N ARG A 559 9.09 3.97 -16.58
CA ARG A 559 9.97 3.95 -17.75
C ARG A 559 9.24 4.26 -19.06
N SER A 560 7.95 3.98 -19.13
CA SER A 560 7.18 4.13 -20.36
C SER A 560 6.66 5.54 -20.59
N ALA A 561 6.96 6.49 -19.68
CA ALA A 561 6.25 7.76 -19.67
C ALA A 561 6.57 8.59 -20.90
N THR A 562 5.54 9.03 -21.60
CA THR A 562 5.72 10.06 -22.61
C THR A 562 5.12 11.37 -22.09
N GLY A 563 5.12 12.37 -22.94
CA GLY A 563 4.78 13.71 -22.53
C GLY A 563 5.63 14.71 -23.28
N VAL A 564 5.88 15.86 -22.64
CA VAL A 564 6.74 16.90 -23.19
C VAL A 564 7.75 17.26 -22.11
N PHE A 565 9.03 17.00 -22.38
CA PHE A 565 10.07 17.13 -21.37
C PHE A 565 11.07 18.20 -21.79
N PHE A 566 11.24 19.23 -20.94
CA PHE A 566 12.10 20.38 -21.22
C PHE A 566 13.36 20.22 -20.37
N TRP A 567 14.43 19.73 -20.99
CA TRP A 567 15.70 19.46 -20.31
C TRP A 567 16.67 20.60 -20.52
N ILE A 568 17.43 20.94 -19.48
CA ILE A 568 18.63 21.74 -19.63
C ILE A 568 19.79 21.01 -18.97
N PHE A 569 20.98 21.16 -19.56
CA PHE A 569 22.16 20.45 -19.09
C PHE A 569 23.28 21.44 -18.77
N ALA A 570 24.16 21.01 -17.86
CA ALA A 570 25.24 21.84 -17.34
C ALA A 570 26.35 22.08 -18.35
N ASN A 571 26.35 21.35 -19.47
CA ASN A 571 27.30 21.63 -20.54
C ASN A 571 26.81 22.72 -21.50
N GLY A 572 25.72 23.40 -21.16
CA GLY A 572 25.26 24.50 -22.00
C GLY A 572 24.42 24.03 -23.17
N SER A 573 23.43 23.19 -22.90
CA SER A 573 22.58 22.65 -23.96
C SER A 573 21.18 22.42 -23.40
N TYR A 574 20.24 22.24 -24.32
CA TYR A 574 18.87 21.90 -23.97
C TYR A 574 18.33 20.88 -24.96
N ARG A 575 17.29 20.19 -24.51
CA ARG A 575 16.65 19.13 -25.25
C ARG A 575 15.18 19.20 -24.90
N VAL A 576 14.33 18.94 -25.89
CA VAL A 576 12.89 18.80 -25.70
C VAL A 576 12.54 17.41 -26.20
N THR A 577 12.12 16.51 -25.32
CA THR A 577 11.83 15.16 -25.77
C THR A 577 10.37 14.81 -25.56
N ALA A 578 9.92 13.80 -26.32
CA ALA A 578 8.58 13.26 -26.19
C ALA A 578 8.49 12.18 -25.14
N ASP A 579 9.63 11.67 -24.67
CA ASP A 579 9.66 10.55 -23.73
C ASP A 579 10.67 10.83 -22.63
N LEU A 580 10.41 10.26 -21.45
CA LEU A 580 11.34 10.37 -20.34
C LEU A 580 12.71 9.78 -20.68
N GLY A 581 12.73 8.69 -21.44
CA GLY A 581 13.99 8.08 -21.86
C GLY A 581 14.80 8.92 -22.83
N GLY A 582 14.19 9.91 -23.48
CA GLY A 582 14.94 10.79 -24.35
C GLY A 582 15.27 10.25 -25.72
N TRP A 583 14.54 9.25 -26.19
CA TRP A 583 14.81 8.69 -27.51
C TRP A 583 14.20 9.53 -28.63
N ILE A 584 13.18 10.32 -28.34
CA ILE A 584 12.43 11.05 -29.37
C ILE A 584 12.56 12.54 -29.12
N THR A 585 13.16 13.24 -30.08
CA THR A 585 13.50 14.65 -29.99
C THR A 585 12.43 15.52 -30.67
N TYR A 586 11.93 16.53 -29.95
CA TYR A 586 11.08 17.59 -30.49
C TYR A 586 11.89 18.80 -30.92
N ALA A 587 12.96 19.09 -30.18
CA ALA A 587 13.84 20.23 -30.42
C ALA A 587 15.07 20.03 -29.56
N SER A 588 16.13 20.76 -29.91
CA SER A 588 17.36 20.71 -29.14
C SER A 588 18.25 21.83 -29.64
N GLY A 589 19.20 22.22 -28.79
CA GLY A 589 20.06 23.33 -29.12
C GLY A 589 20.87 23.74 -27.91
N HIS A 590 21.52 24.89 -28.06
CA HIS A 590 22.42 25.41 -27.03
C HIS A 590 21.67 26.36 -26.10
N ALA A 591 22.19 26.50 -24.89
CA ALA A 591 21.58 27.32 -23.87
C ALA A 591 22.66 27.81 -22.93
N ASP A 592 22.48 29.02 -22.42
CA ASP A 592 23.42 29.63 -21.48
C ASP A 592 23.18 29.06 -20.08
N VAL A 593 23.53 27.78 -19.92
CA VAL A 593 23.22 27.03 -18.72
C VAL A 593 24.49 26.35 -18.22
N THR A 594 24.76 26.51 -16.92
CA THR A 594 25.87 25.89 -16.23
C THR A 594 25.34 25.26 -14.94
N ALA A 595 26.23 24.61 -14.18
CA ALA A 595 25.85 24.07 -12.88
C ALA A 595 25.99 25.11 -11.78
N LYS A 596 25.29 24.85 -10.67
CA LYS A 596 25.43 25.63 -9.44
C LYS A 596 24.96 27.07 -9.61
N ARG A 597 23.94 27.26 -10.43
CA ARG A 597 23.25 28.53 -10.41
CA ARG A 597 23.30 28.56 -10.62
C ARG A 597 21.80 28.34 -10.82
N TRP A 598 20.97 29.22 -10.26
CA TRP A 598 19.52 29.07 -10.35
C TRP A 598 19.00 29.58 -11.69
N TYR A 599 18.14 28.79 -12.32
CA TYR A 599 17.45 29.17 -13.54
C TYR A 599 15.97 28.93 -13.34
N THR A 600 15.16 29.78 -13.97
CA THR A 600 13.71 29.66 -13.93
C THR A 600 13.25 29.10 -15.28
N LEU A 601 12.72 27.88 -15.25
CA LEU A 601 12.22 27.20 -16.45
C LEU A 601 10.71 27.35 -16.55
N THR A 602 10.23 27.73 -17.73
CA THR A 602 8.80 27.73 -18.02
C THR A 602 8.57 26.81 -19.21
N LEU A 603 7.54 25.96 -19.11
CA LEU A 603 7.13 25.10 -20.21
C LEU A 603 5.64 25.30 -20.42
N GLY A 604 5.26 25.72 -21.62
CA GLY A 604 3.88 25.90 -21.99
C GLY A 604 3.49 24.89 -23.07
N ILE A 605 2.38 24.20 -22.84
CA ILE A 605 1.87 23.21 -23.76
C ILE A 605 0.40 23.51 -24.00
N LYS A 606 0.05 23.77 -25.25
CA LYS A 606 -1.35 24.00 -25.63
C LYS A 606 -1.56 23.37 -26.99
N GLY A 607 -2.54 22.47 -27.09
CA GLY A 607 -2.84 21.82 -28.36
C GLY A 607 -1.60 21.14 -28.93
N TYR A 608 -1.33 21.42 -30.21
CA TYR A 608 -0.22 20.79 -30.93
C TYR A 608 1.14 21.40 -30.62
N PHE A 609 1.22 22.50 -29.86
CA PHE A 609 2.45 23.26 -29.81
C PHE A 609 2.90 23.50 -28.37
N ALA A 610 4.21 23.56 -28.22
CA ALA A 610 4.83 23.82 -26.93
C ALA A 610 5.86 24.94 -27.07
N PHE A 611 6.13 25.62 -25.96
CA PHE A 611 7.19 26.61 -25.91
C PHE A 611 7.94 26.45 -24.59
N GLY A 612 9.18 26.89 -24.59
CA GLY A 612 9.98 26.91 -23.37
C GLY A 612 10.67 28.25 -23.19
N MET A 613 10.73 28.69 -21.94
CA MET A 613 11.46 29.89 -21.57
C MET A 613 12.55 29.56 -20.57
N LEU A 614 13.69 30.22 -20.73
CA LEU A 614 14.78 30.21 -19.76
C LEU A 614 14.85 31.60 -19.14
N ASN A 615 14.59 31.69 -17.84
CA ASN A 615 14.60 32.99 -17.13
C ASN A 615 13.67 34.00 -17.80
N GLY A 616 12.45 33.56 -18.16
CA GLY A 616 11.47 34.45 -18.73
C GLY A 616 11.67 34.86 -20.17
N THR A 617 12.74 34.40 -20.82
CA THR A 617 12.96 34.65 -22.24
C THR A 617 12.74 33.37 -23.05
N ILE A 618 12.01 33.51 -24.17
CA ILE A 618 11.74 32.36 -25.02
C ILE A 618 13.05 31.71 -25.44
N LEU A 619 13.14 30.39 -25.27
CA LEU A 619 14.26 29.59 -25.75
C LEU A 619 13.90 28.82 -27.02
N TRP A 620 12.66 28.34 -27.10
CA TRP A 620 12.12 27.67 -28.28
C TRP A 620 10.62 27.82 -28.20
N LYS A 621 9.97 27.94 -29.36
CA LYS A 621 8.53 28.13 -29.38
C LYS A 621 7.97 27.52 -30.64
N ASN A 622 6.64 27.36 -30.64
CA ASN A 622 5.90 26.73 -31.73
C ASN A 622 6.55 25.43 -32.19
N VAL A 623 6.92 24.61 -31.21
CA VAL A 623 7.47 23.29 -31.49
C VAL A 623 6.35 22.27 -31.45
N ARG A 624 6.24 21.48 -32.52
CA ARG A 624 5.11 20.57 -32.67
C ARG A 624 5.27 19.37 -31.74
N VAL A 625 4.21 19.05 -31.00
CA VAL A 625 4.16 17.93 -30.07
C VAL A 625 2.91 17.11 -30.34
N LYS A 626 2.91 15.88 -29.85
CA LYS A 626 1.79 14.96 -30.06
C LYS A 626 0.52 15.54 -29.44
N TYR A 627 -0.62 15.31 -30.09
CA TYR A 627 -1.90 15.80 -29.58
C TYR A 627 -2.99 15.02 -30.28
N PRO A 628 -4.08 14.64 -29.60
CA PRO A 628 -4.27 14.85 -28.15
C PRO A 628 -3.29 14.09 -27.26
N GLY A 629 -3.06 14.69 -26.10
CA GLY A 629 -2.23 14.09 -25.07
C GLY A 629 -2.57 14.73 -23.75
N HIS A 630 -2.34 14.00 -22.67
CA HIS A 630 -2.69 14.49 -21.34
C HIS A 630 -1.78 13.81 -20.34
N GLY A 631 -1.68 14.40 -19.15
CA GLY A 631 -0.90 13.82 -18.08
C GLY A 631 -0.48 14.84 -17.05
N TRP A 632 0.18 14.35 -16.01
CA TRP A 632 0.65 15.20 -14.91
C TRP A 632 1.75 16.17 -15.37
N ALA A 633 2.01 17.14 -14.49
CA ALA A 633 3.23 17.92 -14.45
C ALA A 633 4.31 17.15 -13.72
N ALA A 634 5.56 17.53 -13.95
CA ALA A 634 6.65 16.76 -13.36
C ALA A 634 7.92 17.60 -13.27
N ILE A 635 8.79 17.19 -12.36
CA ILE A 635 10.15 17.70 -12.23
C ILE A 635 11.08 16.50 -12.09
N GLY A 636 12.36 16.74 -12.33
CA GLY A 636 13.32 15.64 -12.18
C GLY A 636 14.69 15.98 -12.70
N THR A 637 15.55 14.96 -12.64
CA THR A 637 16.97 15.11 -12.90
C THR A 637 17.42 14.05 -13.89
N HIS A 638 18.50 14.35 -14.61
CA HIS A 638 18.88 13.48 -15.72
C HIS A 638 19.29 12.09 -15.22
N THR A 639 20.12 12.03 -14.20
CA THR A 639 20.41 10.74 -13.59
C THR A 639 20.13 10.81 -12.09
N PHE A 640 20.60 9.81 -11.34
CA PHE A 640 20.48 9.88 -9.88
C PHE A 640 21.52 10.88 -9.37
N GLU A 641 21.13 12.14 -9.27
CA GLU A 641 22.06 13.23 -9.00
C GLU A 641 21.37 14.29 -8.16
N PHE A 642 22.15 14.98 -7.33
CA PHE A 642 21.61 16.07 -6.52
C PHE A 642 21.17 17.23 -7.41
N ALA A 643 19.98 17.75 -7.13
CA ALA A 643 19.47 18.96 -7.77
C ALA A 643 18.46 19.58 -6.83
N GLN A 644 18.19 20.87 -7.03
CA GLN A 644 17.17 21.52 -6.22
C GLN A 644 16.13 22.23 -7.08
N PHE A 645 14.96 22.43 -6.49
CA PHE A 645 13.79 22.98 -7.13
C PHE A 645 13.15 23.97 -6.17
N ASP A 646 12.63 25.07 -6.72
CA ASP A 646 12.04 26.11 -5.88
C ASP A 646 10.96 26.82 -6.67
N ASN A 647 9.96 27.34 -5.94
CA ASN A 647 8.91 28.19 -6.51
C ASN A 647 8.17 27.47 -7.64
N PHE A 648 7.68 26.26 -7.34
CA PHE A 648 6.93 25.49 -8.34
C PHE A 648 5.55 26.10 -8.57
N ARG A 649 5.15 26.18 -9.83
CA ARG A 649 3.87 26.74 -10.21
C ARG A 649 3.30 25.96 -11.38
N VAL A 650 1.98 25.81 -11.39
CA VAL A 650 1.33 25.16 -12.53
C VAL A 650 -0.04 25.79 -12.72
N GLU A 651 -0.37 26.11 -13.95
CA GLU A 651 -1.73 26.45 -14.32
C GLU A 651 -2.13 25.53 -15.47
N ALA A 652 -3.33 24.99 -15.42
CA ALA A 652 -3.68 23.93 -16.34
C ALA A 652 -5.17 23.96 -16.62
N ALA A 653 -5.53 23.36 -17.76
CA ALA A 653 -6.91 23.17 -18.17
C ALA A 653 -7.14 21.69 -18.43
N ARG A 654 -8.27 21.19 -17.96
CA ARG A 654 -8.59 19.78 -17.99
C ARG A 654 -9.54 19.48 -19.15
C1 NAG B . -6.00 -27.77 6.36
C2 NAG B . -5.92 -28.87 7.42
C3 NAG B . -6.50 -30.18 6.88
C4 NAG B . -7.83 -29.97 6.17
C5 NAG B . -7.76 -28.80 5.20
C6 NAG B . -9.10 -28.45 4.61
C7 NAG B . -4.04 -28.68 9.02
C8 NAG B . -5.01 -28.01 9.94
N2 NAG B . -4.54 -29.07 7.83
O3 NAG B . -6.71 -31.05 8.00
O4 NAG B . -8.15 -31.14 5.41
O5 NAG B . -7.31 -27.64 5.90
O6 NAG B . -9.04 -27.23 3.88
O7 NAG B . -2.88 -28.88 9.32
C1 NAG B . -8.85 -32.32 5.41
C2 NAG B . -9.11 -32.92 6.80
C3 NAG B . -10.27 -33.91 6.74
C4 NAG B . -11.49 -33.26 6.09
C5 NAG B . -11.13 -32.65 4.75
C6 NAG B . -12.25 -31.89 4.11
C7 NAG B . -7.69 -33.82 8.61
C8 NAG B . -6.39 -34.49 8.94
N2 NAG B . -7.91 -33.57 7.31
O3 NAG B . -10.60 -34.36 8.04
O4 NAG B . -12.51 -34.24 5.91
O5 NAG B . -10.04 -31.72 4.92
O6 NAG B . -11.81 -30.66 3.54
O7 NAG B . -8.51 -33.53 9.48
C1 NAG C . -17.22 -12.54 25.19
C2 NAG C . -17.10 -13.24 26.55
C3 NAG C . -17.08 -12.21 27.68
C4 NAG C . -15.98 -11.19 27.45
C5 NAG C . -16.12 -10.56 26.06
C6 NAG C . -14.93 -9.71 25.68
C7 NAG C . -19.48 -13.93 26.65
C8 NAG C . -20.41 -15.09 26.86
N2 NAG C . -18.17 -14.21 26.74
O3 NAG C . -16.84 -12.91 28.91
O4 NAG C . -16.02 -10.18 28.45
O5 NAG C . -16.17 -11.59 25.05
O6 NAG C . -13.81 -10.54 25.34
O7 NAG C . -19.89 -12.79 26.42
C1 NAG C . -14.83 -9.87 29.05
C2 NAG C . -14.85 -8.52 29.80
C3 NAG C . -13.56 -8.32 30.61
C4 NAG C . -13.26 -9.54 31.48
C5 NAG C . -13.26 -10.79 30.60
C6 NAG C . -13.02 -12.07 31.37
C7 NAG C . -16.21 -7.06 28.37
C8 NAG C . -16.21 -5.94 27.39
N2 NAG C . -15.02 -7.43 28.84
O3 NAG C . -13.69 -7.17 31.43
O4 NAG C . -12.01 -9.39 32.13
O5 NAG C . -14.55 -10.91 29.97
O6 NAG C . -13.46 -13.20 30.61
O7 NAG C . -17.26 -7.60 28.73
C1 NAG D . -6.39 22.72 -25.30
C2 NAG D . -7.92 22.76 -25.26
C3 NAG D . -8.50 22.36 -26.62
C4 NAG D . -7.95 23.29 -27.70
C5 NAG D . -6.43 23.18 -27.71
C6 NAG D . -5.77 24.10 -28.71
C7 NAG D . -8.72 22.36 -22.97
C8 NAG D . -9.31 21.36 -22.02
N2 NAG D . -8.46 21.92 -24.21
O3 NAG D . -9.92 22.39 -26.60
O4 NAG D . -8.50 22.97 -28.97
O5 NAG D . -5.90 23.53 -26.41
O6 NAG D . -6.12 25.44 -28.43
O7 NAG D . -8.47 23.51 -22.64
C1 NAG D . -9.23 23.98 -29.57
C2 NAG D . -9.50 23.46 -30.99
C3 NAG D . -10.25 24.53 -31.82
C4 NAG D . -11.50 24.98 -31.09
C5 NAG D . -11.15 25.49 -29.70
C6 NAG D . -12.34 25.90 -28.89
C7 NAG D . -7.74 21.86 -31.58
C8 NAG D . -6.46 21.65 -32.33
N2 NAG D . -8.27 23.08 -31.66
O3 NAG D . -10.58 24.00 -33.10
O4 NAG D . -12.17 26.01 -31.83
O5 NAG D . -10.48 24.45 -28.97
O6 NAG D . -12.76 24.87 -28.00
O7 NAG D . -8.27 20.96 -30.93
C10 ODW E . 1.39 -4.60 -5.65
C02 ODW E . 3.05 -6.33 -4.70
C03 ODW E . 3.89 -6.33 -6.07
C04 ODW E . 2.83 -6.91 -7.09
C05 ODW E . 1.59 -7.12 -6.13
C07 ODW E . 0.66 -5.98 -6.19
C08 ODW E . 0.13 -5.75 -7.54
C12 ODW E . 2.42 -4.98 -4.45
N06 ODW E . 2.16 -7.26 -4.90
O01 ODW E . 3.90 -6.69 -3.60
O09 ODW E . -1.11 -6.43 -7.68
O11 ODW E . 2.06 -4.02 -6.60
O13 ODW E . 3.37 -3.96 -4.35
C1 NAG F . -26.81 -23.30 -11.14
C2 NAG F . -27.08 -23.48 -12.64
C3 NAG F . -28.59 -23.39 -12.91
C4 NAG F . -29.33 -24.42 -12.07
C5 NAG F . -29.02 -24.19 -10.60
C6 NAG F . -29.66 -25.22 -9.68
C7 NAG F . -25.21 -22.75 -14.07
C8 NAG F . -24.63 -21.62 -14.86
N2 NAG F . -26.36 -22.50 -13.44
O3 NAG F . -28.84 -23.59 -14.30
O4 NAG F . -30.74 -24.34 -12.31
O5 NAG F . -27.61 -24.25 -10.37
O6 NAG F . -29.16 -26.53 -9.93
O7 NAG F . -24.66 -23.85 -13.99
CA CA G . 11.69 28.39 -1.39
NI NI H . -4.58 8.32 -19.41
#